data_6DO1
#
_entry.id   6DO1
#
_cell.length_a   135.682
_cell.length_b   227.796
_cell.length_c   41.500
_cell.angle_alpha   90.00
_cell.angle_beta   90.00
_cell.angle_gamma   90.00
#
_symmetry.space_group_name_H-M   'P 21 21 2'
#
loop_
_entity.id
_entity.type
_entity.pdbx_description
1 polymer 'Type-1 angiotensin II receptor,Soluble cytochrome b562 BRIL fusion protein'
2 polymer 'Nanobody Nb.AT110i1'
3 polymer 'Angiotensin-like peptide S1I8'
4 non-polymer 2-acetamido-2-deoxy-beta-D-glucopyranose
5 non-polymer 'CHLORIDE ION'
6 non-polymer '(2R)-2,3-dihydroxypropyl (9Z)-octadec-9-enoate'
7 water water
#
loop_
_entity_poly.entity_id
_entity_poly.type
_entity_poly.pdbx_seq_one_letter_code
_entity_poly.pdbx_strand_id
1 'polypeptide(L)'
;DYKDDDDKILNSSTEDGIKRIQDDCPKAGRHNYIFVMIPTLYSIIFVVGIFGNSLVVIVIYFYMKLKTVASVFLLNLALA
DLCFLLTLPLWAVYTAMEYRWPFGNYLCKIASASVSFNLYASVFLLTCLSIDRYLAIVHPMKSRLRRTMLVAKVTCIIIW
LLAGLASLPAIIHRNVFFIENTNITVCAFHYESQNSTLPIGLGLTKNILGFLFPFLIILTSYTLIWKALKKAYDLEDNWE
TLNDNLKVIEKADNAAQVKDALTKMRAAALDAQKATPPKLEDKSPDSPEMKDFRHGFDILVGQIDDALKLANEGKVKEAQ
AAAEQLKTTRNAEIQKNKPRNDDIFKIIMAIVLFFFFSWIPHQIFTFLDVLIQLGIIRDCRIADIVDTAMPITICIAYFN
NCLNPLFYGFLGKKFKRYFLQLLKY
;
A,B
2 'polypeptide(L)'
;QVQLQESGGGLVQAGGSLRLSCAASGNIFDVDIMGWYRQAPGKERELVASITDGGSTDYADSVKGRFTISRDNAKNTVYL
QMNSLKPEDTAVYYCAAVAYPDIPTYFDYDSDNFYWGQGTQVTVSS
;
C,D,E,F
3 'polypeptide(L)' (SAR)RVYIHPI G,H
#
# COMPACT_ATOMS: atom_id res chain seq x y z
N ASP A 16 -2.41 30.35 -23.36
CA ASP A 16 -1.26 31.16 -23.77
C ASP A 16 -1.40 32.60 -23.31
N GLY A 17 -2.34 33.33 -23.91
CA GLY A 17 -2.52 34.73 -23.61
C GLY A 17 -3.56 35.01 -22.52
N ILE A 18 -3.53 36.26 -22.04
CA ILE A 18 -4.47 36.76 -21.05
C ILE A 18 -5.37 37.78 -21.75
N LYS A 19 -6.69 37.56 -21.68
CA LYS A 19 -7.66 38.44 -22.30
C LYS A 19 -8.18 39.46 -21.30
N ARG A 20 -8.43 40.68 -21.79
CA ARG A 20 -8.99 41.75 -20.97
C ARG A 20 -10.50 41.78 -21.13
N ILE A 21 -11.22 41.75 -20.02
CA ILE A 21 -12.67 41.60 -20.02
C ILE A 21 -13.29 42.70 -19.17
N GLN A 22 -14.48 43.13 -19.56
CA GLN A 22 -15.29 44.05 -18.79
C GLN A 22 -16.44 43.26 -18.20
N ASP A 23 -16.80 43.54 -16.95
CA ASP A 23 -17.81 42.77 -16.23
C ASP A 23 -19.13 43.53 -16.20
N ASP A 24 -20.21 42.86 -16.64
CA ASP A 24 -21.54 43.47 -16.65
C ASP A 24 -22.03 43.73 -15.23
N CYS A 25 -22.04 42.68 -14.40
CA CYS A 25 -22.46 42.78 -12.99
C CYS A 25 -21.30 42.27 -12.15
N PRO A 26 -20.26 43.07 -11.96
CA PRO A 26 -19.05 42.57 -11.28
C PRO A 26 -19.22 42.28 -9.80
N LYS A 27 -19.74 43.25 -9.03
CA LYS A 27 -19.82 43.06 -7.58
C LYS A 27 -21.02 42.22 -7.17
N ALA A 28 -21.13 41.03 -7.75
CA ALA A 28 -22.23 40.11 -7.48
C ALA A 28 -21.65 38.90 -6.73
N GLY A 29 -22.18 38.63 -5.54
CA GLY A 29 -21.67 37.54 -4.75
C GLY A 29 -20.33 37.82 -4.11
N ARG A 30 -19.93 39.09 -4.05
CA ARG A 30 -18.68 39.50 -3.42
C ARG A 30 -19.04 39.97 -2.01
N HIS A 31 -19.13 39.03 -1.08
CA HIS A 31 -19.52 39.34 0.29
C HIS A 31 -18.50 38.78 1.27
N ASN A 32 -18.29 39.52 2.36
CA ASN A 32 -17.27 39.15 3.34
C ASN A 32 -17.53 37.78 3.95
N TYR A 33 -18.80 37.46 4.25
CA TYR A 33 -19.08 36.22 4.96
C TYR A 33 -18.88 34.99 4.09
N ILE A 34 -19.08 35.12 2.77
CA ILE A 34 -18.83 34.00 1.87
C ILE A 34 -17.34 33.71 1.77
N PHE A 35 -16.52 34.76 1.65
CA PHE A 35 -15.08 34.59 1.55
C PHE A 35 -14.49 33.83 2.73
N VAL A 36 -15.21 33.78 3.85
CA VAL A 36 -14.80 33.01 5.02
C VAL A 36 -15.51 31.67 5.08
N MET A 37 -16.80 31.66 4.74
CA MET A 37 -17.62 30.47 4.94
C MET A 37 -17.33 29.37 3.92
N ILE A 38 -17.08 29.74 2.67
CA ILE A 38 -16.91 28.75 1.61
C ILE A 38 -15.54 28.06 1.67
N PRO A 39 -14.43 28.79 1.88
CA PRO A 39 -13.15 28.07 2.04
C PRO A 39 -13.11 27.16 3.25
N THR A 40 -13.83 27.51 4.32
CA THR A 40 -13.88 26.64 5.49
C THR A 40 -14.60 25.33 5.17
N LEU A 41 -15.78 25.44 4.56
CA LEU A 41 -16.50 24.24 4.14
C LEU A 41 -15.69 23.41 3.14
N TYR A 42 -14.98 24.08 2.23
CA TYR A 42 -14.11 23.37 1.30
C TYR A 42 -13.01 22.62 2.04
N SER A 43 -12.42 23.24 3.06
CA SER A 43 -11.41 22.56 3.87
C SER A 43 -11.99 21.33 4.54
N ILE A 44 -13.21 21.44 5.05
CA ILE A 44 -13.83 20.32 5.75
C ILE A 44 -14.10 19.17 4.78
N ILE A 45 -14.63 19.49 3.60
CA ILE A 45 -14.91 18.45 2.61
C ILE A 45 -13.63 17.79 2.13
N PHE A 46 -12.58 18.60 1.94
CA PHE A 46 -11.28 18.07 1.54
C PHE A 46 -10.77 17.05 2.55
N VAL A 47 -10.67 17.45 3.82
CA VAL A 47 -10.12 16.58 4.86
C VAL A 47 -10.94 15.31 4.99
N VAL A 48 -12.27 15.44 5.04
CA VAL A 48 -13.13 14.28 5.22
C VAL A 48 -13.08 13.37 4.00
N GLY A 49 -13.20 13.97 2.80
CA GLY A 49 -13.28 13.17 1.59
C GLY A 49 -12.02 12.38 1.30
N ILE A 50 -10.85 13.00 1.47
CA ILE A 50 -9.57 12.32 1.20
C ILE A 50 -9.48 11.04 2.01
N PHE A 51 -9.54 11.15 3.34
CA PHE A 51 -9.31 9.98 4.17
C PHE A 51 -10.45 8.97 4.07
N GLY A 52 -11.68 9.44 3.81
CA GLY A 52 -12.80 8.55 3.63
C GLY A 52 -12.67 7.69 2.40
N ASN A 53 -12.52 8.34 1.24
CA ASN A 53 -12.45 7.59 -0.01
C ASN A 53 -11.13 6.83 -0.14
N SER A 54 -10.05 7.33 0.47
CA SER A 54 -8.81 6.57 0.49
C SER A 54 -8.99 5.26 1.24
N LEU A 55 -9.62 5.30 2.41
CA LEU A 55 -9.90 4.07 3.15
C LEU A 55 -10.90 3.19 2.40
N VAL A 56 -11.82 3.81 1.65
CA VAL A 56 -12.75 3.03 0.83
C VAL A 56 -11.97 2.24 -0.22
N VAL A 57 -11.05 2.90 -0.91
CA VAL A 57 -10.22 2.21 -1.91
C VAL A 57 -9.38 1.13 -1.26
N ILE A 58 -8.85 1.40 -0.06
CA ILE A 58 -8.04 0.40 0.65
C ILE A 58 -8.88 -0.83 0.96
N VAL A 59 -10.16 -0.63 1.30
CA VAL A 59 -11.00 -1.75 1.70
C VAL A 59 -11.48 -2.54 0.49
N ILE A 60 -11.85 -1.85 -0.60
CA ILE A 60 -12.50 -2.55 -1.70
C ILE A 60 -11.50 -3.29 -2.60
N TYR A 61 -10.29 -2.78 -2.78
CA TYR A 61 -9.35 -3.47 -3.65
C TYR A 61 -8.38 -4.35 -2.87
N PHE A 62 -7.47 -3.74 -2.09
CA PHE A 62 -6.43 -4.52 -1.44
C PHE A 62 -7.01 -5.44 -0.37
N TYR A 63 -8.09 -5.02 0.29
CA TYR A 63 -8.70 -5.81 1.35
C TYR A 63 -9.79 -6.76 0.84
N MET A 64 -10.51 -6.39 -0.21
CA MET A 64 -11.62 -7.20 -0.70
C MET A 64 -11.39 -7.85 -2.06
N LYS A 65 -10.44 -7.35 -2.86
CA LYS A 65 -9.94 -7.95 -4.11
C LYS A 65 -10.81 -7.72 -5.33
N LEU A 66 -11.89 -6.92 -5.22
CA LEU A 66 -12.76 -6.59 -6.35
C LEU A 66 -13.27 -7.87 -7.03
N LYS A 67 -14.20 -8.53 -6.35
CA LYS A 67 -14.72 -9.80 -6.82
C LYS A 67 -16.13 -9.70 -7.38
N THR A 68 -16.68 -8.50 -7.49
CA THR A 68 -18.02 -8.30 -8.03
C THR A 68 -18.01 -7.13 -9.00
N VAL A 69 -19.13 -6.97 -9.72
CA VAL A 69 -19.26 -5.85 -10.64
C VAL A 69 -19.47 -4.55 -9.86
N ALA A 70 -20.35 -4.60 -8.84
CA ALA A 70 -20.56 -3.41 -8.02
C ALA A 70 -19.30 -2.97 -7.30
N SER A 71 -18.43 -3.92 -6.95
CA SER A 71 -17.12 -3.58 -6.41
C SER A 71 -16.33 -2.72 -7.39
N VAL A 72 -16.37 -3.07 -8.68
CA VAL A 72 -15.63 -2.30 -9.68
C VAL A 72 -16.18 -0.89 -9.79
N PHE A 73 -17.51 -0.76 -9.85
CA PHE A 73 -18.13 0.57 -9.91
C PHE A 73 -17.82 1.37 -8.66
N LEU A 74 -17.79 0.71 -7.50
CA LEU A 74 -17.48 1.40 -6.25
C LEU A 74 -16.05 1.92 -6.25
N LEU A 75 -15.09 1.07 -6.63
CA LEU A 75 -13.71 1.51 -6.80
C LEU A 75 -13.61 2.77 -7.65
N ASN A 76 -14.11 2.70 -8.90
CA ASN A 76 -13.98 3.82 -9.81
C ASN A 76 -14.72 5.06 -9.29
N LEU A 77 -15.78 4.86 -8.50
CA LEU A 77 -16.48 6.01 -7.91
C LEU A 77 -15.58 6.75 -6.93
N ALA A 78 -14.89 6.00 -6.05
CA ALA A 78 -13.99 6.61 -5.09
C ALA A 78 -12.78 7.23 -5.79
N LEU A 79 -12.29 6.58 -6.86
CA LEU A 79 -11.15 7.12 -7.58
C LEU A 79 -11.52 8.38 -8.34
N ALA A 80 -12.76 8.48 -8.81
CA ALA A 80 -13.20 9.71 -9.46
C ALA A 80 -13.31 10.86 -8.46
N ASP A 81 -13.83 10.57 -7.26
CA ASP A 81 -13.96 11.62 -6.25
C ASP A 81 -12.62 12.12 -5.75
N LEU A 82 -11.62 11.23 -5.63
CA LEU A 82 -10.31 11.66 -5.18
C LEU A 82 -9.71 12.70 -6.12
N CYS A 83 -9.89 12.53 -7.44
CA CYS A 83 -9.33 13.48 -8.39
C CYS A 83 -9.91 14.88 -8.19
N PHE A 84 -11.22 14.96 -7.90
CA PHE A 84 -11.83 16.24 -7.60
C PHE A 84 -11.27 16.83 -6.31
N LEU A 85 -11.17 16.01 -5.26
CA LEU A 85 -10.68 16.50 -3.97
C LEU A 85 -9.29 17.11 -4.08
N LEU A 86 -8.45 16.57 -4.97
CA LEU A 86 -7.09 17.10 -5.11
C LEU A 86 -7.10 18.53 -5.66
N THR A 87 -8.08 18.90 -6.46
CA THR A 87 -8.13 20.26 -6.98
C THR A 87 -8.92 21.21 -6.09
N LEU A 88 -9.72 20.68 -5.17
CA LEU A 88 -10.43 21.48 -4.17
C LEU A 88 -9.61 22.60 -3.54
N PRO A 89 -8.38 22.38 -3.04
CA PRO A 89 -7.66 23.48 -2.38
C PRO A 89 -7.46 24.70 -3.27
N LEU A 90 -7.34 24.51 -4.59
CA LEU A 90 -7.24 25.65 -5.49
C LEU A 90 -8.46 26.54 -5.38
N TRP A 91 -9.65 25.93 -5.43
CA TRP A 91 -10.88 26.70 -5.26
C TRP A 91 -10.96 27.33 -3.88
N ALA A 92 -10.45 26.64 -2.85
CA ALA A 92 -10.51 27.16 -1.50
C ALA A 92 -9.80 28.50 -1.37
N VAL A 93 -8.52 28.55 -1.77
CA VAL A 93 -7.74 29.79 -1.68
C VAL A 93 -8.15 30.77 -2.78
N TYR A 94 -8.75 30.27 -3.86
CA TYR A 94 -9.32 31.17 -4.86
C TYR A 94 -10.47 31.98 -4.28
N THR A 95 -11.38 31.30 -3.56
CA THR A 95 -12.49 32.00 -2.93
C THR A 95 -12.02 32.89 -1.79
N ALA A 96 -11.00 32.44 -1.05
CA ALA A 96 -10.53 33.20 0.11
C ALA A 96 -9.89 34.53 -0.30
N MET A 97 -9.27 34.58 -1.48
CA MET A 97 -8.62 35.80 -1.94
C MET A 97 -9.60 36.75 -2.60
N GLU A 98 -10.88 36.65 -2.24
CA GLU A 98 -11.93 37.47 -2.85
C GLU A 98 -11.93 37.27 -4.36
N TYR A 99 -11.92 35.99 -4.77
CA TYR A 99 -11.93 35.60 -6.18
C TYR A 99 -10.76 36.21 -6.95
N ARG A 100 -9.55 35.80 -6.56
CA ARG A 100 -8.33 36.12 -7.28
C ARG A 100 -7.60 34.82 -7.59
N TRP A 101 -7.21 34.64 -8.85
CA TRP A 101 -6.63 33.38 -9.30
C TRP A 101 -5.13 33.55 -9.50
N PRO A 102 -4.28 33.03 -8.62
CA PRO A 102 -2.82 33.16 -8.80
C PRO A 102 -2.12 31.93 -9.38
N PHE A 103 -2.85 30.95 -9.89
CA PHE A 103 -2.26 29.69 -10.33
C PHE A 103 -2.07 29.59 -11.84
N GLY A 104 -2.47 30.60 -12.59
CA GLY A 104 -2.24 30.60 -14.03
C GLY A 104 -3.31 29.88 -14.80
N ASN A 105 -3.12 29.87 -16.12
CA ASN A 105 -4.14 29.35 -17.02
C ASN A 105 -4.20 27.82 -16.97
N TYR A 106 -3.06 27.16 -16.85
CA TYR A 106 -3.02 25.69 -16.89
C TYR A 106 -3.87 25.09 -15.78
N LEU A 107 -3.60 25.47 -14.53
CA LEU A 107 -4.33 24.89 -13.41
C LEU A 107 -5.79 25.31 -13.40
N CYS A 108 -6.08 26.51 -13.89
CA CYS A 108 -7.47 26.91 -14.12
C CYS A 108 -8.17 25.88 -15.01
N LYS A 109 -7.55 25.55 -16.15
CA LYS A 109 -8.13 24.59 -17.08
C LYS A 109 -8.39 23.24 -16.40
N ILE A 110 -7.38 22.67 -15.75
CA ILE A 110 -7.52 21.31 -15.24
C ILE A 110 -8.45 21.28 -14.02
N ALA A 111 -8.44 22.32 -13.18
CA ALA A 111 -9.30 22.31 -12.01
C ALA A 111 -10.77 22.39 -12.41
N SER A 112 -11.09 23.28 -13.36
CA SER A 112 -12.47 23.37 -13.82
C SER A 112 -12.91 22.11 -14.53
N ALA A 113 -12.01 21.54 -15.34
CA ALA A 113 -12.32 20.28 -16.02
C ALA A 113 -12.47 19.14 -15.04
N SER A 114 -11.77 19.22 -13.89
CA SER A 114 -11.86 18.14 -12.92
C SER A 114 -13.17 18.18 -12.13
N VAL A 115 -13.65 19.39 -11.82
CA VAL A 115 -14.96 19.53 -11.19
C VAL A 115 -16.04 19.02 -12.13
N SER A 116 -16.03 19.48 -13.38
CA SER A 116 -16.99 19.01 -14.37
C SER A 116 -16.86 17.49 -14.56
N PHE A 117 -15.62 16.99 -14.59
CA PHE A 117 -15.41 15.56 -14.81
C PHE A 117 -15.98 14.74 -13.65
N ASN A 118 -15.83 15.22 -12.42
CA ASN A 118 -16.38 14.49 -11.28
C ASN A 118 -17.89 14.45 -11.33
N LEU A 119 -18.52 15.57 -11.68
CA LEU A 119 -19.96 15.63 -11.94
C LEU A 119 -20.38 14.47 -12.84
N TYR A 120 -19.95 14.50 -14.10
CA TYR A 120 -20.45 13.53 -15.08
C TYR A 120 -20.04 12.12 -14.73
N ALA A 121 -18.82 11.94 -14.20
CA ALA A 121 -18.34 10.59 -13.89
C ALA A 121 -19.19 9.94 -12.80
N SER A 122 -19.41 10.64 -11.69
CA SER A 122 -20.12 10.05 -10.57
C SER A 122 -21.58 9.75 -10.92
N VAL A 123 -22.20 10.62 -11.74
CA VAL A 123 -23.59 10.41 -12.09
C VAL A 123 -23.73 9.24 -13.06
N PHE A 124 -22.81 9.12 -14.02
CA PHE A 124 -22.84 7.97 -14.93
C PHE A 124 -22.59 6.68 -14.18
N LEU A 125 -21.70 6.70 -13.18
CA LEU A 125 -21.41 5.49 -12.43
C LEU A 125 -22.59 5.04 -11.59
N LEU A 126 -23.31 6.00 -10.99
CA LEU A 126 -24.55 5.66 -10.30
C LEU A 126 -25.57 5.02 -11.26
N THR A 127 -25.69 5.56 -12.46
CA THR A 127 -26.57 4.96 -13.47
C THR A 127 -26.23 3.49 -13.70
N CYS A 128 -24.95 3.19 -13.94
CA CYS A 128 -24.56 1.80 -14.18
C CYS A 128 -24.74 0.94 -12.93
N LEU A 129 -24.58 1.52 -11.74
CA LEU A 129 -24.84 0.76 -10.52
C LEU A 129 -26.31 0.39 -10.41
N SER A 130 -27.20 1.30 -10.83
CA SER A 130 -28.64 1.01 -10.76
C SER A 130 -29.01 -0.11 -11.71
N ILE A 131 -28.49 -0.08 -12.94
CA ILE A 131 -28.77 -1.16 -13.90
C ILE A 131 -28.23 -2.49 -13.37
N ASP A 132 -27.03 -2.47 -12.79
CA ASP A 132 -26.46 -3.69 -12.25
C ASP A 132 -27.31 -4.25 -11.11
N ARG A 133 -27.76 -3.37 -10.20
CA ARG A 133 -28.61 -3.82 -9.10
C ARG A 133 -29.91 -4.44 -9.61
N TYR A 134 -30.57 -3.76 -10.55
CA TYR A 134 -31.81 -4.28 -11.12
C TYR A 134 -31.60 -5.66 -11.75
N LEU A 135 -30.61 -5.78 -12.62
CA LEU A 135 -30.33 -7.06 -13.25
C LEU A 135 -29.88 -8.12 -12.24
N ALA A 136 -29.33 -7.70 -11.10
CA ALA A 136 -28.82 -8.67 -10.13
C ALA A 136 -29.92 -9.26 -9.26
N ILE A 137 -31.01 -8.54 -9.03
CA ILE A 137 -32.09 -9.01 -8.18
C ILE A 137 -33.27 -9.54 -8.99
N VAL A 138 -33.63 -8.85 -10.07
CA VAL A 138 -34.81 -9.25 -10.82
C VAL A 138 -34.49 -10.42 -11.75
N HIS A 139 -33.34 -10.41 -12.40
CA HIS A 139 -32.94 -11.45 -13.35
C HIS A 139 -31.56 -11.98 -13.00
N PRO A 140 -31.41 -12.61 -11.82
CA PRO A 140 -30.06 -12.99 -11.36
C PRO A 140 -29.38 -14.01 -12.25
N MET A 141 -30.06 -15.12 -12.55
CA MET A 141 -29.40 -16.24 -13.23
C MET A 141 -29.06 -15.91 -14.68
N LYS A 142 -29.97 -15.24 -15.38
CA LYS A 142 -29.74 -14.95 -16.79
C LYS A 142 -28.74 -13.82 -16.98
N SER A 143 -28.68 -12.87 -16.06
CA SER A 143 -27.71 -11.79 -16.14
C SER A 143 -26.38 -12.14 -15.48
N ARG A 144 -26.29 -13.28 -14.81
CA ARG A 144 -25.03 -13.69 -14.20
C ARG A 144 -23.93 -13.86 -15.25
N LEU A 145 -24.24 -14.54 -16.35
CA LEU A 145 -23.22 -14.81 -17.36
C LEU A 145 -22.81 -13.54 -18.10
N ARG A 146 -23.76 -12.68 -18.44
CA ARG A 146 -23.46 -11.48 -19.20
C ARG A 146 -22.83 -10.37 -18.36
N ARG A 147 -22.84 -10.48 -17.05
CA ARG A 147 -22.33 -9.45 -16.15
C ARG A 147 -21.01 -9.93 -15.56
N THR A 148 -19.93 -9.72 -16.31
CA THR A 148 -18.60 -10.20 -15.97
C THR A 148 -17.70 -9.03 -15.57
N MET A 149 -16.44 -9.36 -15.30
CA MET A 149 -15.47 -8.32 -14.92
C MET A 149 -15.05 -7.49 -16.12
N LEU A 150 -14.87 -8.12 -17.29
CA LEU A 150 -14.47 -7.38 -18.47
C LEU A 150 -15.50 -6.34 -18.86
N VAL A 151 -16.79 -6.69 -18.78
CA VAL A 151 -17.81 -5.71 -19.12
C VAL A 151 -17.81 -4.57 -18.11
N ALA A 152 -17.46 -4.85 -16.85
CA ALA A 152 -17.40 -3.80 -15.85
C ALA A 152 -16.26 -2.82 -16.15
N LYS A 153 -15.06 -3.35 -16.40
CA LYS A 153 -13.91 -2.50 -16.68
C LYS A 153 -14.08 -1.75 -17.99
N VAL A 154 -14.67 -2.41 -19.00
CA VAL A 154 -14.92 -1.73 -20.27
C VAL A 154 -15.95 -0.63 -20.10
N THR A 155 -17.01 -0.90 -19.34
CA THR A 155 -17.98 0.15 -19.03
C THR A 155 -17.32 1.32 -18.31
N CYS A 156 -16.40 1.03 -17.40
CA CYS A 156 -15.76 2.11 -16.63
C CYS A 156 -14.88 2.98 -17.51
N ILE A 157 -14.12 2.39 -18.45
CA ILE A 157 -13.30 3.20 -19.33
C ILE A 157 -14.18 4.01 -20.29
N ILE A 158 -15.31 3.43 -20.72
CA ILE A 158 -16.25 4.19 -21.55
C ILE A 158 -16.82 5.37 -20.77
N ILE A 159 -17.06 5.18 -19.48
CA ILE A 159 -17.63 6.26 -18.67
C ILE A 159 -16.60 7.36 -18.43
N TRP A 160 -15.35 6.98 -18.14
CA TRP A 160 -14.30 7.98 -17.98
C TRP A 160 -14.09 8.76 -19.29
N LEU A 161 -14.08 8.05 -20.42
CA LEU A 161 -13.94 8.71 -21.70
C LEU A 161 -15.09 9.68 -21.96
N LEU A 162 -16.33 9.23 -21.74
CA LEU A 162 -17.49 10.07 -22.01
C LEU A 162 -17.56 11.25 -21.05
N ALA A 163 -17.17 11.04 -19.79
CA ALA A 163 -17.16 12.16 -18.84
C ALA A 163 -16.14 13.22 -19.23
N GLY A 164 -14.94 12.79 -19.64
CA GLY A 164 -13.99 13.72 -20.25
C GLY A 164 -14.58 14.42 -21.46
N LEU A 165 -15.22 13.64 -22.33
CA LEU A 165 -15.84 14.22 -23.52
C LEU A 165 -16.90 15.26 -23.17
N ALA A 166 -17.59 15.09 -22.04
CA ALA A 166 -18.60 16.05 -21.63
C ALA A 166 -17.99 17.31 -21.04
N SER A 167 -16.81 17.19 -20.41
CA SER A 167 -16.12 18.32 -19.81
C SER A 167 -15.11 18.95 -20.75
N LEU A 168 -15.08 18.52 -22.01
CA LEU A 168 -14.18 19.16 -22.98
C LEU A 168 -14.41 20.66 -23.13
N PRO A 169 -15.66 21.17 -23.19
CA PRO A 169 -15.82 22.62 -23.29
C PRO A 169 -15.31 23.37 -22.08
N ALA A 170 -15.14 22.69 -20.95
CA ALA A 170 -14.51 23.33 -19.80
C ALA A 170 -13.03 23.58 -20.08
N ILE A 171 -12.33 22.58 -20.63
CA ILE A 171 -10.94 22.77 -21.00
C ILE A 171 -10.80 23.84 -22.06
N ILE A 172 -11.73 23.87 -23.02
CA ILE A 172 -11.62 24.81 -24.14
C ILE A 172 -11.89 26.24 -23.68
N HIS A 173 -13.00 26.47 -22.97
CA HIS A 173 -13.52 27.81 -22.75
C HIS A 173 -13.25 28.39 -21.35
N ARG A 174 -12.38 27.75 -20.55
CA ARG A 174 -12.01 28.27 -19.25
C ARG A 174 -10.69 29.01 -19.40
N ASN A 175 -10.68 30.31 -19.09
CA ASN A 175 -9.42 31.05 -19.17
C ASN A 175 -9.22 31.88 -17.91
N VAL A 176 -8.06 32.50 -17.85
CA VAL A 176 -7.74 33.51 -16.85
C VAL A 176 -7.88 34.86 -17.51
N PHE A 177 -8.74 35.71 -16.95
CA PHE A 177 -9.05 37.01 -17.53
C PHE A 177 -8.69 38.13 -16.57
N PHE A 178 -8.34 39.27 -17.16
CA PHE A 178 -8.09 40.51 -16.42
C PHE A 178 -9.34 41.37 -16.50
N ILE A 179 -10.03 41.53 -15.37
CA ILE A 179 -11.23 42.35 -15.30
C ILE A 179 -10.78 43.81 -15.22
N GLU A 180 -10.92 44.53 -16.34
CA GLU A 180 -10.37 45.87 -16.44
C GLU A 180 -11.00 46.82 -15.42
N ASN A 181 -12.29 46.68 -15.16
CA ASN A 181 -13.00 47.63 -14.32
C ASN A 181 -12.81 47.36 -12.83
N THR A 182 -12.21 46.23 -12.45
CA THR A 182 -11.90 45.95 -11.06
C THR A 182 -10.43 45.63 -10.79
N ASN A 183 -9.60 45.48 -11.83
CA ASN A 183 -8.18 45.12 -11.68
C ASN A 183 -8.00 43.80 -10.95
N ILE A 184 -8.85 42.83 -11.26
CA ILE A 184 -8.81 41.52 -10.61
C ILE A 184 -8.58 40.45 -11.66
N THR A 185 -7.67 39.53 -11.36
CA THR A 185 -7.35 38.40 -12.22
C THR A 185 -8.18 37.20 -11.78
N VAL A 186 -9.00 36.66 -12.68
CA VAL A 186 -9.94 35.60 -12.34
C VAL A 186 -9.77 34.42 -13.30
N CYS A 187 -10.30 33.27 -12.87
CA CYS A 187 -10.37 32.05 -13.66
C CYS A 187 -11.85 31.75 -13.87
N ALA A 188 -12.33 31.83 -15.11
CA ALA A 188 -13.77 31.80 -15.31
C ALA A 188 -14.11 31.53 -16.77
N PHE A 189 -15.40 31.49 -17.04
CA PHE A 189 -15.97 31.58 -18.38
C PHE A 189 -16.39 33.02 -18.65
N HIS A 190 -16.14 33.50 -19.86
CA HIS A 190 -16.58 34.83 -20.30
C HIS A 190 -17.73 34.67 -21.29
N TYR A 191 -18.87 35.28 -20.98
CA TYR A 191 -20.07 35.17 -21.80
C TYR A 191 -20.28 36.47 -22.57
N GLU A 192 -20.20 36.40 -23.89
CA GLU A 192 -20.45 37.56 -24.75
C GLU A 192 -21.80 37.42 -25.46
N SER A 196 -25.60 36.45 -25.83
CA SER A 196 -25.46 35.57 -26.98
C SER A 196 -24.31 34.58 -26.79
N THR A 197 -23.68 34.20 -27.91
CA THR A 197 -22.45 33.42 -28.02
C THR A 197 -22.65 31.95 -27.67
N LEU A 198 -23.89 31.50 -27.49
CA LEU A 198 -24.22 30.11 -27.24
C LEU A 198 -23.41 29.42 -26.14
N PRO A 199 -23.32 30.01 -24.94
CA PRO A 199 -22.75 29.27 -23.81
C PRO A 199 -23.75 28.41 -23.07
N ILE A 200 -25.04 28.59 -23.38
CA ILE A 200 -26.13 27.86 -22.72
C ILE A 200 -26.00 26.37 -22.94
N GLY A 201 -25.27 25.95 -23.98
CA GLY A 201 -24.96 24.54 -24.13
C GLY A 201 -24.27 23.98 -22.91
N LEU A 202 -23.31 24.74 -22.36
CA LEU A 202 -22.58 24.31 -21.17
C LEU A 202 -23.50 24.16 -19.96
N GLY A 203 -24.64 24.86 -19.95
CA GLY A 203 -25.58 24.74 -18.85
C GLY A 203 -26.62 23.67 -19.07
N LEU A 204 -27.19 23.59 -20.28
CA LEU A 204 -28.12 22.51 -20.60
C LEU A 204 -27.46 21.15 -20.45
N THR A 205 -26.20 21.03 -20.90
CA THR A 205 -25.50 19.75 -20.78
C THR A 205 -25.38 19.35 -19.32
N LYS A 206 -25.27 20.33 -18.42
CA LYS A 206 -25.34 20.05 -17.00
C LYS A 206 -26.75 19.68 -16.58
N ASN A 207 -27.75 20.34 -17.17
CA ASN A 207 -29.14 20.11 -16.78
C ASN A 207 -29.67 18.79 -17.32
N ILE A 208 -29.73 18.65 -18.65
CA ILE A 208 -30.41 17.49 -19.24
C ILE A 208 -29.46 16.29 -19.34
N LEU A 209 -28.22 16.51 -19.76
CA LEU A 209 -27.28 15.39 -19.89
C LEU A 209 -26.67 14.99 -18.56
N GLY A 210 -26.58 15.92 -17.61
CA GLY A 210 -25.96 15.62 -16.33
C GLY A 210 -26.93 15.32 -15.20
N PHE A 211 -28.24 15.52 -15.43
CA PHE A 211 -29.21 15.29 -14.38
C PHE A 211 -30.47 14.58 -14.88
N LEU A 212 -31.13 15.17 -15.88
CA LEU A 212 -32.42 14.66 -16.34
C LEU A 212 -32.31 13.20 -16.75
N PHE A 213 -31.42 12.91 -17.71
CA PHE A 213 -31.30 11.54 -18.21
C PHE A 213 -30.88 10.56 -17.12
N PRO A 214 -29.84 10.81 -16.32
CA PRO A 214 -29.45 9.80 -15.32
C PRO A 214 -30.41 9.68 -14.16
N PHE A 215 -31.06 10.77 -13.74
CA PHE A 215 -32.08 10.65 -12.71
C PHE A 215 -33.22 9.77 -13.18
N LEU A 216 -33.67 9.98 -14.42
CA LEU A 216 -34.71 9.12 -14.99
C LEU A 216 -34.30 7.65 -14.95
N ILE A 217 -33.08 7.34 -15.42
CA ILE A 217 -32.63 5.95 -15.47
C ILE A 217 -32.53 5.38 -14.06
N ILE A 218 -31.98 6.15 -13.12
CA ILE A 218 -31.79 5.64 -11.76
C ILE A 218 -33.13 5.38 -11.09
N LEU A 219 -34.02 6.37 -11.13
CA LEU A 219 -35.38 6.20 -10.63
C LEU A 219 -36.05 4.97 -11.26
N THR A 220 -35.88 4.78 -12.57
CA THR A 220 -36.48 3.63 -13.25
C THR A 220 -35.98 2.31 -12.67
N SER A 221 -34.65 2.16 -12.55
CA SER A 221 -34.09 0.91 -12.08
C SER A 221 -34.57 0.58 -10.66
N TYR A 222 -34.43 1.55 -9.75
CA TYR A 222 -34.83 1.31 -8.36
C TYR A 222 -36.33 1.17 -8.22
N THR A 223 -37.11 1.74 -9.14
CA THR A 223 -38.56 1.55 -9.08
C THR A 223 -38.93 0.14 -9.52
N LEU A 224 -38.23 -0.41 -10.50
CA LEU A 224 -38.46 -1.80 -10.91
C LEU A 224 -38.11 -2.77 -9.79
N ILE A 225 -37.00 -2.51 -9.09
CA ILE A 225 -36.64 -3.33 -7.93
C ILE A 225 -37.71 -3.20 -6.84
N TRP A 226 -38.14 -1.96 -6.57
CA TRP A 226 -39.19 -1.73 -5.59
C TRP A 226 -40.43 -2.57 -5.87
N LYS A 227 -40.94 -2.50 -7.11
CA LYS A 227 -42.20 -3.16 -7.41
C LYS A 227 -42.04 -4.68 -7.44
N ALA A 228 -40.89 -5.17 -7.90
CA ALA A 228 -40.63 -6.61 -7.87
C ALA A 228 -40.66 -7.14 -6.44
N LEU A 229 -39.90 -6.53 -5.54
CA LEU A 229 -39.87 -7.00 -4.15
C LEU A 229 -41.21 -6.82 -3.44
N LYS A 230 -41.95 -5.75 -3.75
CA LYS A 230 -43.29 -5.60 -3.16
C LYS A 230 -44.19 -6.74 -3.62
N LYS A 231 -44.22 -7.01 -4.93
CA LYS A 231 -45.03 -8.10 -5.46
C LYS A 231 -44.63 -9.43 -4.85
N ALA A 232 -43.34 -9.59 -4.50
CA ALA A 232 -42.89 -10.81 -3.87
C ALA A 232 -43.45 -10.96 -2.46
N TYR A 233 -43.40 -9.89 -1.67
CA TYR A 233 -43.87 -9.97 -0.29
C TYR A 233 -45.40 -10.00 -0.19
N ASP A 234 -46.10 -9.57 -1.23
CA ASP A 234 -47.56 -9.60 -1.19
C ASP A 234 -48.08 -11.03 -1.05
N LEU A 235 -47.51 -11.98 -1.80
CA LEU A 235 -47.97 -13.36 -1.73
C LEU A 235 -47.83 -13.92 -0.32
N GLU A 236 -46.72 -13.60 0.36
CA GLU A 236 -46.55 -14.05 1.74
C GLU A 236 -47.54 -13.37 2.68
N ASP A 237 -47.82 -12.10 2.47
CA ASP A 237 -48.79 -11.41 3.30
C ASP A 237 -50.23 -11.73 2.91
N ASN A 238 -50.44 -12.37 1.77
CA ASN A 238 -51.78 -12.79 1.35
C ASN A 238 -51.89 -14.31 1.39
N ARG A 340 -35.96 -10.46 5.54
CA ARG A 340 -36.94 -9.43 5.85
C ARG A 340 -37.42 -8.74 4.59
N ASN A 341 -36.71 -7.68 4.20
CA ASN A 341 -36.91 -6.81 3.02
C ASN A 341 -37.95 -5.72 3.25
N ASP A 342 -38.46 -5.58 4.47
CA ASP A 342 -39.35 -4.45 4.74
C ASP A 342 -38.57 -3.16 4.97
N ASP A 343 -37.32 -3.28 5.45
CA ASP A 343 -36.48 -2.10 5.65
C ASP A 343 -36.08 -1.47 4.32
N ILE A 344 -35.72 -2.29 3.33
CA ILE A 344 -34.99 -1.83 2.16
C ILE A 344 -35.73 -0.72 1.43
N PHE A 345 -37.06 -0.72 1.47
CA PHE A 345 -37.84 0.33 0.82
C PHE A 345 -37.41 1.72 1.29
N LYS A 346 -37.41 1.95 2.61
CA LYS A 346 -36.92 3.22 3.15
C LYS A 346 -35.50 3.50 2.68
N ILE A 347 -34.67 2.45 2.63
CA ILE A 347 -33.31 2.61 2.12
C ILE A 347 -33.34 3.10 0.68
N ILE A 348 -34.10 2.40 -0.18
CA ILE A 348 -34.20 2.79 -1.57
C ILE A 348 -34.71 4.22 -1.70
N MET A 349 -35.72 4.57 -0.91
CA MET A 349 -36.27 5.93 -0.97
C MET A 349 -35.21 6.96 -0.60
N ALA A 350 -34.34 6.64 0.35
CA ALA A 350 -33.16 7.46 0.58
C ALA A 350 -32.34 7.61 -0.71
N ILE A 351 -31.91 6.48 -1.28
CA ILE A 351 -30.96 6.48 -2.40
C ILE A 351 -31.42 7.43 -3.50
N VAL A 352 -32.69 7.35 -3.89
CA VAL A 352 -33.21 8.23 -4.93
C VAL A 352 -33.24 9.67 -4.43
N LEU A 353 -33.92 9.91 -3.31
CA LEU A 353 -34.07 11.28 -2.80
C LEU A 353 -32.70 11.88 -2.45
N PHE A 354 -31.83 11.08 -1.84
CA PHE A 354 -30.47 11.55 -1.54
C PHE A 354 -29.74 11.98 -2.82
N PHE A 355 -29.93 11.25 -3.90
CA PHE A 355 -29.35 11.68 -5.18
C PHE A 355 -30.07 12.92 -5.70
N PHE A 356 -31.39 12.97 -5.54
CA PHE A 356 -32.17 14.08 -6.08
C PHE A 356 -31.89 15.38 -5.33
N PHE A 357 -32.13 15.38 -4.01
CA PHE A 357 -32.12 16.61 -3.25
C PHE A 357 -30.73 17.19 -3.04
N SER A 358 -29.67 16.43 -3.34
CA SER A 358 -28.32 16.96 -3.23
C SER A 358 -27.83 17.62 -4.51
N TRP A 359 -28.53 17.41 -5.63
CA TRP A 359 -28.18 18.05 -6.89
C TRP A 359 -29.20 19.04 -7.39
N ILE A 360 -30.42 19.02 -6.87
CA ILE A 360 -31.48 19.91 -7.36
C ILE A 360 -31.21 21.37 -6.97
N PRO A 361 -30.57 21.71 -5.81
CA PRO A 361 -30.22 23.12 -5.59
C PRO A 361 -29.33 23.70 -6.69
N HIS A 362 -28.14 23.11 -6.84
CA HIS A 362 -27.20 23.54 -7.88
C HIS A 362 -27.87 23.63 -9.24
N GLN A 363 -28.56 22.56 -9.63
CA GLN A 363 -29.22 22.50 -10.93
C GLN A 363 -30.18 23.66 -11.12
N ILE A 364 -30.99 23.94 -10.09
CA ILE A 364 -31.96 25.02 -10.16
C ILE A 364 -31.26 26.36 -10.42
N PHE A 365 -30.26 26.69 -9.58
CA PHE A 365 -29.54 27.93 -9.78
C PHE A 365 -28.74 27.93 -11.08
N THR A 366 -28.27 26.75 -11.51
CA THR A 366 -27.61 26.66 -12.80
C THR A 366 -28.55 27.06 -13.92
N PHE A 367 -29.79 26.56 -13.88
CA PHE A 367 -30.81 26.98 -14.84
C PHE A 367 -31.07 28.48 -14.71
N LEU A 368 -31.22 28.97 -13.48
CA LEU A 368 -31.38 30.40 -13.25
C LEU A 368 -30.19 31.21 -13.78
N ASP A 369 -29.01 30.59 -13.85
CA ASP A 369 -27.85 31.28 -14.42
C ASP A 369 -27.97 31.43 -15.93
N VAL A 370 -28.53 30.43 -16.61
CA VAL A 370 -28.67 30.48 -18.06
C VAL A 370 -29.51 31.68 -18.47
N LEU A 371 -30.56 31.99 -17.69
CA LEU A 371 -31.41 33.13 -18.00
C LEU A 371 -30.62 34.44 -17.97
N ILE A 372 -29.58 34.52 -17.15
CA ILE A 372 -28.73 35.70 -17.12
C ILE A 372 -27.63 35.66 -18.17
N GLN A 373 -27.27 34.47 -18.65
CA GLN A 373 -26.15 34.34 -19.58
C GLN A 373 -26.44 35.06 -20.88
N LEU A 374 -27.67 34.96 -21.39
CA LEU A 374 -27.98 35.61 -22.68
C LEU A 374 -29.46 35.90 -22.85
N GLY A 375 -30.28 35.91 -21.81
CA GLY A 375 -31.71 36.00 -22.01
C GLY A 375 -32.47 37.03 -21.19
N ILE A 376 -33.41 36.55 -20.38
CA ILE A 376 -34.47 37.39 -19.84
C ILE A 376 -33.96 38.24 -18.67
N ILE A 377 -33.22 37.63 -17.75
CA ILE A 377 -32.78 38.37 -16.56
C ILE A 377 -31.67 39.33 -16.95
N ARG A 378 -31.89 40.62 -16.69
CA ARG A 378 -30.94 41.68 -17.00
C ARG A 378 -30.82 42.61 -15.80
N ASP A 379 -30.49 42.01 -14.65
CA ASP A 379 -30.38 42.75 -13.40
C ASP A 379 -29.15 42.26 -12.65
N CYS A 380 -28.53 43.17 -11.90
CA CYS A 380 -27.36 42.81 -11.12
C CYS A 380 -27.69 42.38 -9.71
N ARG A 381 -28.86 42.77 -9.18
CA ARG A 381 -29.27 42.28 -7.86
C ARG A 381 -29.61 40.80 -7.92
N ILE A 382 -30.37 40.39 -8.94
CA ILE A 382 -30.63 38.97 -9.17
C ILE A 382 -29.32 38.22 -9.39
N ALA A 383 -28.45 38.78 -10.22
CA ALA A 383 -27.11 38.23 -10.39
C ALA A 383 -26.38 38.08 -9.06
N ASP A 384 -26.55 39.04 -8.16
CA ASP A 384 -25.89 38.96 -6.85
C ASP A 384 -26.43 37.79 -6.04
N ILE A 385 -27.75 37.59 -6.05
CA ILE A 385 -28.33 36.48 -5.32
C ILE A 385 -27.87 35.15 -5.91
N VAL A 386 -27.78 35.07 -7.23
CA VAL A 386 -27.37 33.83 -7.88
C VAL A 386 -25.91 33.53 -7.57
N ASP A 387 -25.05 34.54 -7.67
CA ASP A 387 -23.63 34.34 -7.37
C ASP A 387 -23.40 34.16 -5.88
N THR A 388 -24.31 34.63 -5.04
CA THR A 388 -24.23 34.37 -3.61
C THR A 388 -24.57 32.92 -3.28
N ALA A 389 -25.57 32.36 -3.97
CA ALA A 389 -26.08 31.03 -3.66
C ALA A 389 -25.36 29.91 -4.37
N MET A 390 -24.76 30.18 -5.53
CA MET A 390 -24.09 29.13 -6.30
C MET A 390 -23.03 28.38 -5.50
N PRO A 391 -22.11 29.03 -4.75
CA PRO A 391 -21.16 28.25 -3.96
C PRO A 391 -21.80 27.43 -2.87
N ILE A 392 -22.92 27.89 -2.30
CA ILE A 392 -23.63 27.09 -1.29
C ILE A 392 -24.13 25.79 -1.91
N THR A 393 -24.78 25.89 -3.07
CA THR A 393 -25.28 24.69 -3.75
C THR A 393 -24.14 23.79 -4.18
N ILE A 394 -23.03 24.36 -4.66
CA ILE A 394 -21.85 23.58 -5.00
C ILE A 394 -21.36 22.82 -3.77
N CYS A 395 -21.27 23.51 -2.63
CA CYS A 395 -20.84 22.86 -1.39
C CYS A 395 -21.75 21.69 -1.04
N ILE A 396 -23.07 21.91 -1.06
CA ILE A 396 -24.02 20.84 -0.76
C ILE A 396 -23.81 19.66 -1.70
N ALA A 397 -23.86 19.92 -3.00
CA ALA A 397 -23.73 18.87 -4.00
C ALA A 397 -22.48 18.02 -3.78
N TYR A 398 -21.32 18.67 -3.66
CA TYR A 398 -20.06 17.94 -3.63
C TYR A 398 -19.75 17.35 -2.25
N PHE A 399 -20.28 17.90 -1.17
CA PHE A 399 -20.15 17.23 0.12
C PHE A 399 -20.93 15.92 0.12
N ASN A 400 -22.19 15.95 -0.32
CA ASN A 400 -22.98 14.74 -0.40
C ASN A 400 -22.50 13.80 -1.50
N ASN A 401 -21.81 14.33 -2.52
CA ASN A 401 -21.23 13.46 -3.55
C ASN A 401 -19.99 12.74 -3.03
N CYS A 402 -19.12 13.44 -2.31
CA CYS A 402 -17.91 12.79 -1.79
C CYS A 402 -18.21 11.77 -0.72
N LEU A 403 -19.43 11.73 -0.20
CA LEU A 403 -19.88 10.70 0.73
C LEU A 403 -20.53 9.53 0.02
N ASN A 404 -20.67 9.59 -1.31
CA ASN A 404 -21.42 8.57 -2.04
C ASN A 404 -20.79 7.19 -1.94
N PRO A 405 -19.48 7.01 -2.20
CA PRO A 405 -18.91 5.66 -2.05
C PRO A 405 -19.05 5.10 -0.65
N LEU A 406 -18.88 5.95 0.38
CA LEU A 406 -18.98 5.48 1.75
C LEU A 406 -20.42 5.11 2.10
N PHE A 407 -21.39 5.89 1.61
CA PHE A 407 -22.79 5.58 1.88
C PHE A 407 -23.23 4.29 1.20
N TYR A 408 -22.81 4.09 -0.06
CA TYR A 408 -23.16 2.87 -0.77
C TYR A 408 -22.40 1.65 -0.23
N GLY A 409 -21.18 1.85 0.27
CA GLY A 409 -20.41 0.73 0.77
C GLY A 409 -20.96 0.16 2.07
N PHE A 410 -21.36 1.05 2.99
CA PHE A 410 -21.93 0.61 4.25
C PHE A 410 -23.23 -0.17 4.08
N LEU A 411 -23.79 -0.21 2.87
CA LEU A 411 -24.94 -1.05 2.58
C LEU A 411 -24.55 -2.52 2.46
N GLY A 412 -23.27 -2.83 2.53
CA GLY A 412 -22.80 -4.20 2.53
C GLY A 412 -22.25 -4.56 3.91
N LYS A 413 -22.72 -5.69 4.45
CA LYS A 413 -22.32 -6.12 5.77
C LYS A 413 -20.81 -6.30 5.86
N LYS A 414 -20.22 -7.00 4.90
CA LYS A 414 -18.78 -7.26 4.95
C LYS A 414 -17.97 -5.98 4.78
N PHE A 415 -18.39 -5.10 3.87
CA PHE A 415 -17.68 -3.83 3.70
C PHE A 415 -17.71 -3.01 4.99
N LYS A 416 -18.87 -2.95 5.63
CA LYS A 416 -18.97 -2.21 6.89
C LYS A 416 -18.08 -2.82 7.97
N ARG A 417 -18.06 -4.15 8.05
CA ARG A 417 -17.21 -4.83 9.02
C ARG A 417 -15.74 -4.48 8.78
N TYR A 418 -15.29 -4.55 7.53
CA TYR A 418 -13.90 -4.28 7.22
C TYR A 418 -13.55 -2.81 7.48
N PHE A 419 -14.44 -1.90 7.06
CA PHE A 419 -14.16 -0.46 7.24
C PHE A 419 -14.15 -0.08 8.70
N LEU A 420 -15.05 -0.63 9.50
CA LEU A 420 -15.03 -0.40 10.94
C LEU A 420 -13.74 -0.91 11.57
N GLN A 421 -13.35 -2.15 11.23
CA GLN A 421 -12.13 -2.72 11.76
C GLN A 421 -10.90 -1.89 11.39
N LEU A 422 -10.95 -1.20 10.25
CA LEU A 422 -9.83 -0.35 9.84
C LEU A 422 -9.67 0.90 10.70
N LEU A 423 -10.61 1.17 11.59
CA LEU A 423 -10.56 2.38 12.40
C LEU A 423 -10.22 2.06 13.86
N ASP B 16 1.43 38.99 0.92
CA ASP B 16 1.44 38.16 -0.28
C ASP B 16 1.79 38.98 -1.52
N GLY B 17 2.71 39.93 -1.35
CA GLY B 17 3.08 40.81 -2.43
C GLY B 17 4.24 40.28 -3.24
N ILE B 18 4.47 40.91 -4.38
CA ILE B 18 5.54 40.53 -5.29
C ILE B 18 6.64 41.58 -5.21
N LYS B 19 7.86 41.13 -4.95
CA LYS B 19 8.99 42.02 -4.83
C LYS B 19 9.67 42.19 -6.17
N ARG B 20 10.16 43.40 -6.43
CA ARG B 20 10.83 43.74 -7.67
C ARG B 20 12.33 43.61 -7.48
N ILE B 21 12.98 42.86 -8.37
CA ILE B 21 14.36 42.44 -8.18
C ILE B 21 15.18 42.79 -9.42
N GLN B 22 16.47 43.05 -9.20
CA GLN B 22 17.45 43.22 -10.25
C GLN B 22 18.30 41.97 -10.33
N ASP B 23 18.60 41.52 -11.55
CA ASP B 23 19.39 40.32 -11.76
C ASP B 23 20.80 40.75 -12.14
N ASP B 24 21.80 40.27 -11.37
CA ASP B 24 23.18 40.62 -11.67
C ASP B 24 23.61 40.01 -12.99
N CYS B 25 23.37 38.72 -13.17
CA CYS B 25 23.70 37.97 -14.38
C CYS B 25 22.40 37.34 -14.88
N PRO B 26 21.52 38.13 -15.52
CA PRO B 26 20.20 37.60 -15.89
C PRO B 26 20.27 36.52 -16.95
N LYS B 27 21.05 36.74 -18.02
CA LYS B 27 21.15 35.81 -19.13
C LYS B 27 22.09 34.65 -18.79
N ALA B 28 21.80 33.99 -17.68
CA ALA B 28 22.58 32.84 -17.21
C ALA B 28 21.71 31.58 -17.26
N GLY B 29 22.15 30.58 -18.02
CA GLY B 29 21.42 29.33 -18.12
C GLY B 29 20.15 29.35 -18.93
N ARG B 30 19.94 30.36 -19.76
CA ARG B 30 18.78 30.42 -20.66
C ARG B 30 19.21 29.97 -22.05
N HIS B 31 19.16 28.65 -22.27
CA HIS B 31 19.51 28.07 -23.55
C HIS B 31 18.38 27.18 -24.03
N ASN B 32 18.20 27.13 -25.35
CA ASN B 32 17.06 26.41 -25.93
C ASN B 32 17.09 24.94 -25.55
N TYR B 33 18.28 24.32 -25.56
CA TYR B 33 18.35 22.89 -25.34
C TYR B 33 18.01 22.53 -23.90
N ILE B 34 18.24 23.47 -22.97
CA ILE B 34 17.80 23.27 -21.59
C ILE B 34 16.28 23.30 -21.53
N PHE B 35 15.68 24.29 -22.20
CA PHE B 35 14.23 24.45 -22.21
C PHE B 35 13.52 23.24 -22.80
N VAL B 36 14.20 22.43 -23.61
CA VAL B 36 13.61 21.21 -24.18
C VAL B 36 14.02 19.96 -23.41
N MET B 37 15.31 19.84 -23.07
CA MET B 37 15.79 18.59 -22.50
C MET B 37 15.39 18.42 -21.04
N ILE B 38 15.33 19.49 -20.28
CA ILE B 38 15.05 19.38 -18.84
C ILE B 38 13.59 19.02 -18.62
N PRO B 39 12.62 19.64 -19.31
CA PRO B 39 11.22 19.17 -19.14
C PRO B 39 11.01 17.75 -19.61
N THR B 40 11.74 17.29 -20.63
CA THR B 40 11.61 15.91 -21.08
C THR B 40 12.08 14.93 -20.01
N LEU B 41 13.27 15.18 -19.46
CA LEU B 41 13.77 14.34 -18.39
C LEU B 41 12.84 14.38 -17.18
N TYR B 42 12.28 15.55 -16.87
CA TYR B 42 11.32 15.65 -15.78
C TYR B 42 10.08 14.80 -16.05
N SER B 43 9.59 14.81 -17.31
CA SER B 43 8.46 13.96 -17.65
C SER B 43 8.78 12.49 -17.43
N ILE B 44 9.99 12.06 -17.81
CA ILE B 44 10.37 10.67 -17.64
C ILE B 44 10.44 10.31 -16.16
N ILE B 45 11.05 11.18 -15.35
CA ILE B 45 11.18 10.91 -13.92
C ILE B 45 9.80 10.87 -13.26
N PHE B 46 8.90 11.77 -13.66
CA PHE B 46 7.56 11.77 -13.08
C PHE B 46 6.84 10.44 -13.34
N VAL B 47 6.74 10.03 -14.61
CA VAL B 47 6.00 8.82 -14.95
C VAL B 47 6.63 7.61 -14.29
N VAL B 48 7.96 7.48 -14.41
CA VAL B 48 8.64 6.29 -13.89
C VAL B 48 8.56 6.27 -12.37
N GLY B 49 8.84 7.41 -11.73
CA GLY B 49 8.86 7.44 -10.28
C GLY B 49 7.50 7.13 -9.67
N ILE B 50 6.44 7.71 -10.24
CA ILE B 50 5.09 7.45 -9.73
C ILE B 50 4.78 5.96 -9.76
N PHE B 51 4.88 5.35 -10.94
CA PHE B 51 4.46 3.95 -11.06
C PHE B 51 5.41 3.03 -10.31
N GLY B 52 6.68 3.43 -10.16
CA GLY B 52 7.60 2.66 -9.35
C GLY B 52 7.31 2.66 -7.87
N ASN B 53 7.29 3.85 -7.24
CA ASN B 53 7.10 3.94 -5.80
C ASN B 53 5.67 3.62 -5.38
N SER B 54 4.68 3.87 -6.26
CA SER B 54 3.33 3.44 -5.94
C SER B 54 3.26 1.93 -5.77
N LEU B 55 3.87 1.19 -6.70
CA LEU B 55 3.93 -0.26 -6.56
C LEU B 55 4.76 -0.67 -5.35
N VAL B 56 5.79 0.10 -5.02
CA VAL B 56 6.57 -0.20 -3.82
C VAL B 56 5.69 -0.12 -2.58
N VAL B 57 4.90 0.95 -2.46
CA VAL B 57 3.98 1.08 -1.34
C VAL B 57 2.94 -0.03 -1.36
N ILE B 58 2.47 -0.41 -2.55
CA ILE B 58 1.50 -1.49 -2.66
C ILE B 58 2.10 -2.81 -2.16
N VAL B 59 3.38 -3.04 -2.44
CA VAL B 59 4.01 -4.30 -2.07
C VAL B 59 4.37 -4.34 -0.60
N ILE B 60 4.89 -3.24 -0.05
CA ILE B 60 5.44 -3.32 1.30
C ILE B 60 4.35 -3.29 2.37
N TYR B 61 3.24 -2.59 2.14
CA TYR B 61 2.21 -2.48 3.18
C TYR B 61 1.11 -3.51 2.97
N PHE B 62 0.29 -3.35 1.94
CA PHE B 62 -0.85 -4.24 1.77
C PHE B 62 -0.42 -5.65 1.44
N TYR B 63 0.69 -5.80 0.73
CA TYR B 63 1.14 -7.10 0.25
C TYR B 63 2.04 -7.82 1.25
N MET B 64 2.83 -7.09 2.03
CA MET B 64 3.76 -7.69 2.98
C MET B 64 3.44 -7.39 4.44
N LYS B 65 2.68 -6.34 4.73
CA LYS B 65 2.10 -5.97 6.04
C LYS B 65 3.07 -5.29 7.01
N LEU B 66 4.27 -4.91 6.58
CA LEU B 66 5.23 -4.20 7.43
C LEU B 66 5.55 -4.99 8.70
N LYS B 67 6.35 -6.03 8.56
CA LYS B 67 6.73 -6.88 9.68
C LYS B 67 8.16 -6.65 10.16
N THR B 68 8.87 -5.68 9.58
CA THR B 68 10.25 -5.41 9.95
C THR B 68 10.47 -3.92 10.11
N VAL B 69 11.63 -3.57 10.65
CA VAL B 69 12.01 -2.16 10.77
C VAL B 69 12.38 -1.58 9.41
N ALA B 70 13.14 -2.35 8.61
CA ALA B 70 13.50 -1.91 7.27
C ALA B 70 12.27 -1.74 6.40
N SER B 71 11.23 -2.53 6.64
CA SER B 71 9.96 -2.33 5.95
C SER B 71 9.41 -0.93 6.20
N VAL B 72 9.49 -0.46 7.45
CA VAL B 72 8.98 0.87 7.78
C VAL B 72 9.81 1.94 7.08
N PHE B 73 11.14 1.82 7.13
CA PHE B 73 12.01 2.76 6.45
C PHE B 73 11.75 2.75 4.94
N LEU B 74 11.48 1.57 4.38
CA LEU B 74 11.20 1.48 2.95
C LEU B 74 9.90 2.20 2.58
N LEU B 75 8.83 1.94 3.34
CA LEU B 75 7.58 2.67 3.16
C LEU B 75 7.79 4.17 3.13
N ASN B 76 8.32 4.73 4.23
CA ASN B 76 8.45 6.18 4.34
C ASN B 76 9.40 6.75 3.29
N LEU B 77 10.38 5.96 2.85
CA LEU B 77 11.26 6.42 1.78
C LEU B 77 10.49 6.59 0.48
N ALA B 78 9.65 5.61 0.14
CA ALA B 78 8.82 5.71 -1.05
C ALA B 78 7.79 6.84 -0.93
N LEU B 79 7.26 7.05 0.28
CA LEU B 79 6.27 8.12 0.45
C LEU B 79 6.89 9.49 0.30
N ALA B 80 8.14 9.66 0.73
CA ALA B 80 8.80 10.95 0.55
C ALA B 80 9.08 11.23 -0.92
N ASP B 81 9.51 10.19 -1.66
CA ASP B 81 9.75 10.37 -3.09
C ASP B 81 8.46 10.64 -3.84
N LEU B 82 7.36 10.01 -3.41
CA LEU B 82 6.06 10.28 -4.01
C LEU B 82 5.67 11.74 -3.81
N CYS B 83 5.92 12.27 -2.60
CA CYS B 83 5.58 13.66 -2.32
C CYS B 83 6.37 14.61 -3.20
N PHE B 84 7.64 14.31 -3.44
CA PHE B 84 8.44 15.11 -4.36
C PHE B 84 7.91 15.02 -5.79
N LEU B 85 7.63 13.79 -6.25
CA LEU B 85 7.15 13.59 -7.61
C LEU B 85 5.87 14.36 -7.89
N LEU B 86 5.02 14.52 -6.87
CA LEU B 86 3.76 15.22 -7.08
C LEU B 86 3.96 16.67 -7.49
N THR B 87 5.05 17.30 -7.04
CA THR B 87 5.34 18.68 -7.39
C THR B 87 6.26 18.83 -8.59
N LEU B 88 6.97 17.77 -8.99
CA LEU B 88 7.83 17.81 -10.20
C LEU B 88 7.22 18.53 -11.40
N PRO B 89 5.96 18.28 -11.80
CA PRO B 89 5.46 18.94 -13.01
C PRO B 89 5.50 20.46 -12.95
N LEU B 90 5.40 21.07 -11.77
CA LEU B 90 5.53 22.52 -11.66
C LEU B 90 6.90 22.97 -12.17
N TRP B 91 7.97 22.31 -11.73
CA TRP B 91 9.30 22.62 -12.21
C TRP B 91 9.42 22.35 -13.71
N ALA B 92 8.74 21.30 -14.19
CA ALA B 92 8.79 20.95 -15.62
C ALA B 92 8.25 22.09 -16.48
N VAL B 93 7.05 22.59 -16.18
CA VAL B 93 6.47 23.67 -16.96
C VAL B 93 7.13 25.00 -16.66
N TYR B 94 7.74 25.14 -15.49
CA TYR B 94 8.49 26.35 -15.19
C TYR B 94 9.72 26.44 -16.08
N THR B 95 10.46 25.34 -16.22
CA THR B 95 11.63 25.34 -17.09
C THR B 95 11.25 25.46 -18.56
N ALA B 96 10.14 24.84 -18.97
CA ALA B 96 9.75 24.87 -20.38
C ALA B 96 9.39 26.28 -20.84
N MET B 97 8.82 27.10 -19.94
CA MET B 97 8.42 28.46 -20.28
C MET B 97 9.58 29.44 -20.17
N GLU B 98 10.81 28.97 -20.35
CA GLU B 98 12.01 29.81 -20.24
C GLU B 98 12.07 30.48 -18.86
N TYR B 99 11.84 29.67 -17.83
CA TYR B 99 11.86 30.10 -16.43
C TYR B 99 10.90 31.28 -16.19
N ARG B 100 9.61 30.98 -16.39
CA ARG B 100 8.52 31.88 -16.03
C ARG B 100 7.56 31.15 -15.11
N TRP B 101 7.22 31.78 -13.99
CA TRP B 101 6.45 31.13 -12.94
C TRP B 101 5.03 31.66 -12.89
N PRO B 102 4.04 30.89 -13.36
CA PRO B 102 2.63 31.36 -13.32
C PRO B 102 1.79 30.80 -12.19
N PHE B 103 2.38 30.15 -11.18
CA PHE B 103 1.61 29.47 -10.15
C PHE B 103 1.53 30.24 -8.84
N GLY B 104 2.18 31.39 -8.74
CA GLY B 104 2.03 32.24 -7.57
C GLY B 104 2.94 31.88 -6.41
N ASN B 105 2.79 32.67 -5.35
CA ASN B 105 3.70 32.58 -4.20
C ASN B 105 3.45 31.30 -3.40
N TYR B 106 2.18 30.90 -3.25
CA TYR B 106 1.87 29.72 -2.46
C TYR B 106 2.56 28.48 -3.02
N LEU B 107 2.30 28.16 -4.29
CA LEU B 107 2.88 26.97 -4.89
C LEU B 107 4.38 27.09 -5.08
N CYS B 108 4.90 28.31 -5.29
CA CYS B 108 6.34 28.52 -5.29
C CYS B 108 6.97 28.02 -4.00
N LYS B 109 6.48 28.54 -2.86
CA LYS B 109 6.97 28.09 -1.57
C LYS B 109 6.81 26.58 -1.39
N ILE B 110 5.64 26.05 -1.76
CA ILE B 110 5.36 24.64 -1.51
C ILE B 110 6.27 23.75 -2.36
N ALA B 111 6.56 24.19 -3.58
CA ALA B 111 7.39 23.38 -4.47
C ALA B 111 8.84 23.32 -3.98
N SER B 112 9.39 24.46 -3.57
CA SER B 112 10.75 24.48 -3.08
C SER B 112 10.90 23.74 -1.77
N ALA B 113 9.91 23.89 -0.87
CA ALA B 113 9.95 23.17 0.40
C ALA B 113 9.83 21.67 0.19
N SER B 114 9.14 21.24 -0.87
CA SER B 114 8.96 19.82 -1.10
C SER B 114 10.22 19.19 -1.67
N VAL B 115 10.92 19.91 -2.55
CA VAL B 115 12.19 19.42 -3.07
C VAL B 115 13.21 19.30 -1.94
N SER B 116 13.38 20.37 -1.16
CA SER B 116 14.29 20.32 -0.01
C SER B 116 13.89 19.22 0.97
N PHE B 117 12.59 19.06 1.20
CA PHE B 117 12.12 18.05 2.15
C PHE B 117 12.46 16.65 1.66
N ASN B 118 12.34 16.40 0.35
CA ASN B 118 12.68 15.09 -0.18
C ASN B 118 14.16 14.79 0.00
N LEU B 119 15.02 15.78 -0.29
CA LEU B 119 16.44 15.67 -0.01
C LEU B 119 16.68 15.16 1.41
N TYR B 120 16.35 15.98 2.41
CA TYR B 120 16.75 15.66 3.78
C TYR B 120 16.05 14.40 4.28
N ALA B 121 14.77 14.20 3.92
CA ALA B 121 14.03 13.05 4.42
C ALA B 121 14.64 11.74 3.90
N SER B 122 14.86 11.66 2.58
CA SER B 122 15.35 10.42 2.00
C SER B 122 16.76 10.09 2.47
N VAL B 123 17.60 11.11 2.65
CA VAL B 123 18.96 10.87 3.09
C VAL B 123 19.01 10.44 4.54
N PHE B 124 18.19 11.06 5.40
CA PHE B 124 18.12 10.62 6.79
C PHE B 124 17.62 9.19 6.91
N LEU B 125 16.64 8.82 6.06
CA LEU B 125 16.11 7.47 6.10
C LEU B 125 17.13 6.44 5.65
N LEU B 126 17.92 6.78 4.63
CA LEU B 126 19.02 5.90 4.22
C LEU B 126 20.02 5.72 5.37
N THR B 127 20.36 6.81 6.07
CA THR B 127 21.25 6.71 7.23
C THR B 127 20.71 5.70 8.24
N CYS B 128 19.43 5.82 8.60
CA CYS B 128 18.84 4.90 9.57
C CYS B 128 18.77 3.48 9.02
N LEU B 129 18.60 3.33 7.71
CA LEU B 129 18.63 2.00 7.11
C LEU B 129 20.00 1.36 7.28
N SER B 130 21.07 2.15 7.13
CA SER B 130 22.41 1.63 7.30
C SER B 130 22.68 1.20 8.74
N ILE B 131 22.26 2.04 9.70
CA ILE B 131 22.42 1.68 11.11
C ILE B 131 21.62 0.42 11.43
N ASP B 132 20.41 0.31 10.87
CA ASP B 132 19.59 -0.89 11.11
C ASP B 132 20.28 -2.14 10.58
N ARG B 133 20.85 -2.06 9.37
CA ARG B 133 21.56 -3.20 8.80
C ARG B 133 22.76 -3.58 9.68
N TYR B 134 23.54 -2.58 10.11
CA TYR B 134 24.68 -2.86 10.96
C TYR B 134 24.26 -3.61 12.23
N LEU B 135 23.26 -3.08 12.94
CA LEU B 135 22.78 -3.75 14.15
C LEU B 135 22.13 -5.09 13.85
N ALA B 136 21.61 -5.29 12.64
CA ALA B 136 20.92 -6.53 12.31
C ALA B 136 21.87 -7.66 11.95
N ILE B 137 23.06 -7.33 11.45
CA ILE B 137 24.03 -8.34 11.04
C ILE B 137 25.14 -8.50 12.06
N VAL B 138 25.61 -7.40 12.64
CA VAL B 138 26.73 -7.47 13.58
C VAL B 138 26.27 -7.89 14.96
N HIS B 139 25.14 -7.37 15.43
CA HIS B 139 24.62 -7.67 16.76
C HIS B 139 23.16 -8.11 16.68
N PRO B 140 22.88 -9.25 16.03
CA PRO B 140 21.47 -9.61 15.81
C PRO B 140 20.70 -9.89 17.10
N MET B 141 21.24 -10.74 17.96
CA MET B 141 20.49 -11.17 19.13
C MET B 141 20.34 -10.06 20.15
N LYS B 142 21.38 -9.25 20.33
CA LYS B 142 21.34 -8.19 21.34
C LYS B 142 20.48 -7.01 20.90
N SER B 143 20.45 -6.71 19.60
CA SER B 143 19.65 -5.61 19.07
C SER B 143 18.25 -6.02 18.65
N ARG B 144 17.91 -7.32 18.69
CA ARG B 144 16.57 -7.74 18.32
C ARG B 144 15.51 -7.11 19.22
N LEU B 145 15.75 -7.12 20.54
CA LEU B 145 14.75 -6.61 21.47
C LEU B 145 14.60 -5.10 21.38
N ARG B 146 15.70 -4.37 21.23
CA ARG B 146 15.63 -2.91 21.22
C ARG B 146 15.13 -2.36 19.90
N ARG B 147 15.06 -3.16 18.84
CA ARG B 147 14.70 -2.70 17.50
C ARG B 147 13.31 -3.23 17.16
N THR B 148 12.28 -2.52 17.63
CA THR B 148 10.89 -2.93 17.47
C THR B 148 10.20 -2.03 16.46
N MET B 149 8.89 -2.25 16.28
CA MET B 149 8.13 -1.46 15.33
C MET B 149 7.87 -0.05 15.87
N LEU B 150 7.61 0.08 17.18
CA LEU B 150 7.35 1.39 17.75
C LEU B 150 8.56 2.31 17.60
N VAL B 151 9.76 1.80 17.85
CA VAL B 151 10.95 2.64 17.72
C VAL B 151 11.16 3.03 16.26
N ALA B 152 10.77 2.15 15.32
CA ALA B 152 10.92 2.47 13.90
C ALA B 152 9.99 3.61 13.49
N LYS B 153 8.71 3.52 13.85
CA LYS B 153 7.78 4.56 13.47
C LYS B 153 8.06 5.86 14.20
N VAL B 154 8.53 5.78 15.45
CA VAL B 154 8.92 7.00 16.17
C VAL B 154 10.12 7.65 15.50
N THR B 155 11.10 6.85 15.10
CA THR B 155 12.23 7.39 14.33
C THR B 155 11.75 8.06 13.05
N CYS B 156 10.76 7.46 12.38
CA CYS B 156 10.28 8.01 11.11
C CYS B 156 9.59 9.34 11.32
N ILE B 157 8.79 9.50 12.38
CA ILE B 157 8.16 10.80 12.62
C ILE B 157 9.22 11.82 13.01
N ILE B 158 10.26 11.41 13.73
CA ILE B 158 11.37 12.32 14.04
C ILE B 158 12.06 12.76 12.76
N ILE B 159 12.18 11.87 11.79
CA ILE B 159 12.87 12.20 10.54
C ILE B 159 12.02 13.15 9.70
N TRP B 160 10.70 12.92 9.63
CA TRP B 160 9.84 13.85 8.90
C TRP B 160 9.87 15.23 9.55
N LEU B 161 9.84 15.27 10.89
CA LEU B 161 9.94 16.54 11.60
C LEU B 161 11.26 17.25 11.30
N LEU B 162 12.37 16.51 11.38
CA LEU B 162 13.69 17.12 11.18
C LEU B 162 13.89 17.55 9.73
N ALA B 163 13.38 16.77 8.78
CA ALA B 163 13.51 17.15 7.38
C ALA B 163 12.72 18.43 7.08
N GLY B 164 11.49 18.52 7.58
CA GLY B 164 10.76 19.77 7.51
C GLY B 164 11.51 20.92 8.18
N LEU B 165 12.01 20.67 9.40
CA LEU B 165 12.77 21.69 10.12
C LEU B 165 13.98 22.15 9.34
N ALA B 166 14.60 21.26 8.56
CA ALA B 166 15.79 21.62 7.79
C ALA B 166 15.43 22.43 6.55
N SER B 167 14.24 22.23 6.00
CA SER B 167 13.79 22.93 4.80
C SER B 167 12.99 24.18 5.13
N LEU B 168 12.94 24.58 6.39
CA LEU B 168 12.23 25.78 6.77
C LEU B 168 12.73 27.06 6.10
N PRO B 169 14.05 27.32 5.97
CA PRO B 169 14.48 28.55 5.31
C PRO B 169 14.12 28.60 3.83
N ALA B 170 13.87 27.45 3.20
CA ALA B 170 13.38 27.48 1.83
C ALA B 170 11.95 28.01 1.78
N ILE B 171 11.10 27.56 2.71
CA ILE B 171 9.73 28.04 2.75
C ILE B 171 9.70 29.54 3.02
N ILE B 172 10.55 30.01 3.93
CA ILE B 172 10.53 31.42 4.33
C ILE B 172 11.03 32.31 3.19
N HIS B 173 12.14 31.95 2.57
CA HIS B 173 12.86 32.85 1.68
C HIS B 173 12.60 32.57 0.20
N ARG B 174 11.62 31.75 -0.12
CA ARG B 174 11.22 31.49 -1.50
C ARG B 174 10.02 32.36 -1.82
N ASN B 175 10.18 33.27 -2.77
CA ASN B 175 9.07 34.11 -3.20
C ASN B 175 9.00 34.13 -4.71
N VAL B 176 7.98 34.82 -5.20
CA VAL B 176 7.83 35.12 -6.61
C VAL B 176 8.28 36.56 -6.82
N PHE B 177 9.26 36.75 -7.70
CA PHE B 177 9.84 38.07 -7.92
C PHE B 177 9.64 38.50 -9.35
N PHE B 178 9.52 39.82 -9.53
CA PHE B 178 9.47 40.43 -10.86
C PHE B 178 10.85 40.98 -11.17
N ILE B 179 11.53 40.37 -12.14
CA ILE B 179 12.86 40.81 -12.54
C ILE B 179 12.68 42.06 -13.39
N GLU B 180 13.03 43.22 -12.82
CA GLU B 180 12.69 44.50 -13.43
C GLU B 180 13.30 44.65 -14.82
N ASN B 181 14.54 44.19 -15.00
CA ASN B 181 15.27 44.43 -16.24
C ASN B 181 14.99 43.41 -17.33
N THR B 182 14.25 42.33 -17.03
CA THR B 182 13.85 41.38 -18.05
C THR B 182 12.34 41.18 -18.14
N ASN B 183 11.58 41.77 -17.21
CA ASN B 183 10.11 41.69 -17.23
C ASN B 183 9.63 40.25 -17.12
N ILE B 184 10.33 39.45 -16.32
CA ILE B 184 10.03 38.03 -16.17
C ILE B 184 9.69 37.76 -14.71
N THR B 185 8.60 37.04 -14.50
CA THR B 185 8.16 36.65 -13.17
C THR B 185 8.70 35.26 -12.87
N VAL B 186 9.48 35.15 -11.80
CA VAL B 186 10.16 33.91 -11.45
C VAL B 186 9.87 33.55 -10.00
N CYS B 187 10.15 32.29 -9.67
CA CYS B 187 10.03 31.75 -8.33
C CYS B 187 11.42 31.34 -7.86
N ALA B 188 11.95 32.00 -6.83
CA ALA B 188 13.35 31.79 -6.53
C ALA B 188 13.70 32.29 -5.13
N PHE B 189 14.97 32.12 -4.79
CA PHE B 189 15.64 32.80 -3.69
C PHE B 189 16.31 34.04 -4.26
N HIS B 190 16.29 35.13 -3.50
CA HIS B 190 17.00 36.34 -3.92
C HIS B 190 18.24 36.47 -3.03
N TYR B 191 19.42 36.46 -3.66
CA TYR B 191 20.68 36.55 -2.95
C TYR B 191 21.24 37.95 -3.11
N GLU B 192 21.38 38.67 -2.00
CA GLU B 192 21.97 40.00 -2.04
C GLU B 192 23.40 39.93 -1.52
N SER B 196 26.10 40.30 2.71
CA SER B 196 25.36 39.75 1.58
C SER B 196 24.29 38.74 2.02
N THR B 197 23.78 38.96 3.23
CA THR B 197 22.58 38.32 3.79
C THR B 197 22.78 36.87 4.22
N LEU B 198 24.01 36.39 4.35
CA LEU B 198 24.28 35.01 4.77
C LEU B 198 23.53 33.98 3.93
N PRO B 199 23.74 33.98 2.61
CA PRO B 199 23.15 32.91 1.79
C PRO B 199 23.93 31.61 1.88
N ILE B 200 25.13 31.66 2.49
CA ILE B 200 25.94 30.46 2.61
C ILE B 200 25.27 29.43 3.51
N GLY B 201 24.39 29.86 4.41
CA GLY B 201 23.64 28.90 5.22
C GLY B 201 22.79 27.96 4.38
N LEU B 202 22.06 28.52 3.40
CA LEU B 202 21.17 27.71 2.58
C LEU B 202 21.92 26.70 1.72
N GLY B 203 23.17 26.99 1.38
CA GLY B 203 23.98 26.06 0.60
C GLY B 203 24.80 25.15 1.48
N LEU B 204 25.41 25.70 2.53
CA LEU B 204 26.20 24.90 3.46
C LEU B 204 25.36 23.79 4.08
N THR B 205 24.12 24.10 4.47
CA THR B 205 23.25 23.08 5.05
C THR B 205 22.98 21.95 4.07
N LYS B 206 22.93 22.26 2.78
CA LYS B 206 22.83 21.24 1.75
C LYS B 206 24.12 20.44 1.65
N ASN B 207 25.26 21.12 1.83
CA ASN B 207 26.56 20.46 1.70
C ASN B 207 26.81 19.51 2.86
N ILE B 208 26.81 20.01 4.09
CA ILE B 208 27.27 19.20 5.22
C ILE B 208 26.14 18.31 5.76
N LEU B 209 24.93 18.85 5.93
CA LEU B 209 23.85 18.05 6.49
C LEU B 209 23.20 17.13 5.47
N GLY B 210 23.25 17.49 4.19
CA GLY B 210 22.60 16.67 3.19
C GLY B 210 23.53 15.70 2.51
N PHE B 211 24.83 15.81 2.81
CA PHE B 211 25.80 14.92 2.17
C PHE B 211 26.88 14.44 3.11
N LEU B 212 27.65 15.36 3.71
CA LEU B 212 28.81 14.96 4.50
C LEU B 212 28.43 14.06 5.66
N PHE B 213 27.55 14.53 6.55
CA PHE B 213 27.20 13.74 7.72
C PHE B 213 26.55 12.41 7.36
N PRO B 214 25.56 12.34 6.46
CA PRO B 214 24.95 11.04 6.19
C PRO B 214 25.87 10.11 5.42
N PHE B 215 26.70 10.63 4.53
CA PHE B 215 27.69 9.79 3.86
C PHE B 215 28.65 9.18 4.86
N LEU B 216 29.15 9.99 5.80
CA LEU B 216 30.04 9.48 6.83
C LEU B 216 29.40 8.33 7.62
N ILE B 217 28.18 8.54 8.12
CA ILE B 217 27.51 7.52 8.91
C ILE B 217 27.23 6.27 8.06
N ILE B 218 26.76 6.49 6.83
CA ILE B 218 26.42 5.36 5.97
C ILE B 218 27.67 4.57 5.61
N LEU B 219 28.72 5.26 5.15
CA LEU B 219 30.00 4.61 4.90
C LEU B 219 30.46 3.81 6.11
N THR B 220 30.34 4.38 7.30
CA THR B 220 30.73 3.69 8.53
C THR B 220 29.97 2.39 8.69
N SER B 221 28.64 2.44 8.58
CA SER B 221 27.82 1.25 8.81
C SER B 221 28.16 0.15 7.82
N TYR B 222 28.18 0.47 6.52
CA TYR B 222 28.43 -0.56 5.51
C TYR B 222 29.86 -1.06 5.54
N THR B 223 30.81 -0.23 5.99
CA THR B 223 32.19 -0.70 6.10
C THR B 223 32.35 -1.64 7.30
N LEU B 224 31.64 -1.36 8.40
CA LEU B 224 31.66 -2.27 9.53
C LEU B 224 31.07 -3.62 9.16
N ILE B 225 29.99 -3.62 8.38
CA ILE B 225 29.44 -4.88 7.88
C ILE B 225 30.46 -5.58 6.99
N TRP B 226 31.11 -4.81 6.10
CA TRP B 226 32.15 -5.36 5.23
C TRP B 226 33.21 -6.10 6.06
N LYS B 227 33.73 -5.46 7.09
CA LYS B 227 34.82 -6.05 7.87
C LYS B 227 34.34 -7.19 8.75
N ALA B 228 33.11 -7.13 9.26
CA ALA B 228 32.55 -8.26 10.01
C ALA B 228 32.48 -9.51 9.12
N LEU B 229 31.86 -9.37 7.94
CA LEU B 229 31.78 -10.49 7.01
C LEU B 229 33.17 -10.90 6.55
N LYS B 230 34.10 -9.95 6.49
CA LYS B 230 35.50 -10.26 6.22
C LYS B 230 36.07 -11.22 7.26
N LYS B 231 35.89 -10.89 8.54
CA LYS B 231 36.42 -11.73 9.62
C LYS B 231 35.81 -13.13 9.60
N ALA B 232 34.54 -13.25 9.22
CA ALA B 232 33.93 -14.56 9.12
C ALA B 232 34.48 -15.35 7.93
N TYR B 233 34.58 -14.70 6.77
CA TYR B 233 35.00 -15.42 5.57
C TYR B 233 36.47 -15.77 5.60
N ASP B 234 37.28 -15.05 6.38
CA ASP B 234 38.68 -15.44 6.51
C ASP B 234 38.80 -16.79 7.21
N LEU B 235 38.12 -16.95 8.35
CA LEU B 235 38.20 -18.20 9.09
C LEU B 235 37.67 -19.38 8.28
N GLU B 236 36.59 -19.16 7.52
CA GLU B 236 36.11 -20.21 6.63
C GLU B 236 37.13 -20.51 5.54
N ASP B 237 37.78 -19.47 5.02
CA ASP B 237 38.85 -19.62 4.05
C ASP B 237 40.20 -19.97 4.68
N ASN B 238 40.30 -19.93 6.01
CA ASN B 238 41.56 -20.30 6.68
C ASN B 238 41.40 -21.63 7.40
N ARG B 340 26.73 -18.70 -0.53
CA ARG B 340 27.90 -18.00 -1.03
C ARG B 340 28.34 -16.90 -0.06
N ASN B 341 27.78 -15.71 -0.25
CA ASN B 341 28.00 -14.49 0.54
C ASN B 341 29.27 -13.75 0.13
N ASP B 342 29.95 -14.16 -0.93
CA ASP B 342 31.06 -13.40 -1.48
C ASP B 342 30.59 -12.28 -2.40
N ASP B 343 29.38 -12.42 -2.97
CA ASP B 343 28.84 -11.42 -3.86
C ASP B 343 28.63 -10.07 -3.17
N ILE B 344 28.15 -10.09 -1.91
CA ILE B 344 27.61 -8.88 -1.28
C ILE B 344 28.59 -7.72 -1.30
N PHE B 345 29.89 -7.99 -1.24
CA PHE B 345 30.88 -6.92 -1.29
C PHE B 345 30.69 -6.02 -2.50
N LYS B 346 30.68 -6.60 -3.70
CA LYS B 346 30.40 -5.81 -4.90
C LYS B 346 29.06 -5.11 -4.80
N ILE B 347 28.07 -5.77 -4.19
CA ILE B 347 26.78 -5.12 -3.92
C ILE B 347 26.98 -3.93 -2.99
N ILE B 348 27.62 -4.16 -1.84
CA ILE B 348 27.83 -3.10 -0.85
C ILE B 348 28.57 -1.92 -1.47
N MET B 349 29.62 -2.20 -2.26
CA MET B 349 30.37 -1.12 -2.88
C MET B 349 29.50 -0.26 -3.77
N ALA B 350 28.56 -0.89 -4.50
CA ALA B 350 27.54 -0.14 -5.22
C ALA B 350 26.79 0.81 -4.29
N ILE B 351 26.19 0.25 -3.21
CA ILE B 351 25.27 1.01 -2.36
C ILE B 351 25.89 2.33 -1.92
N VAL B 352 27.14 2.30 -1.48
CA VAL B 352 27.83 3.54 -1.08
C VAL B 352 28.08 4.43 -2.29
N LEU B 353 28.76 3.89 -3.30
CA LEU B 353 29.13 4.68 -4.49
C LEU B 353 27.90 5.21 -5.21
N PHE B 354 26.85 4.38 -5.32
CA PHE B 354 25.62 4.85 -5.93
C PHE B 354 25.06 6.06 -5.20
N PHE B 355 25.20 6.08 -3.87
CA PHE B 355 24.82 7.26 -3.10
C PHE B 355 25.81 8.40 -3.31
N PHE B 356 27.10 8.08 -3.40
CA PHE B 356 28.12 9.11 -3.50
C PHE B 356 28.06 9.81 -4.87
N PHE B 357 28.21 9.04 -5.95
CA PHE B 357 28.36 9.60 -7.28
C PHE B 357 27.06 10.21 -7.83
N SER B 358 25.91 9.95 -7.20
CA SER B 358 24.66 10.53 -7.65
C SER B 358 24.36 11.89 -7.00
N TRP B 359 25.09 12.26 -5.95
CA TRP B 359 24.91 13.56 -5.32
C TRP B 359 26.10 14.49 -5.46
N ILE B 360 27.28 13.99 -5.82
CA ILE B 360 28.47 14.83 -5.91
C ILE B 360 28.37 15.81 -7.07
N PRO B 361 27.68 15.50 -8.22
CA PRO B 361 27.46 16.56 -9.21
C PRO B 361 26.73 17.76 -8.62
N HIS B 362 25.51 17.54 -8.14
CA HIS B 362 24.71 18.60 -7.51
C HIS B 362 25.49 19.31 -6.42
N GLN B 363 26.06 18.54 -5.49
CA GLN B 363 26.79 19.10 -4.36
C GLN B 363 27.95 19.98 -4.83
N ILE B 364 28.74 19.49 -5.79
CA ILE B 364 29.88 20.26 -6.26
C ILE B 364 29.43 21.60 -6.84
N PHE B 365 28.45 21.56 -7.76
CA PHE B 365 27.95 22.79 -8.34
C PHE B 365 27.25 23.66 -7.30
N THR B 366 26.65 23.06 -6.27
CA THR B 366 26.07 23.84 -5.19
C THR B 366 27.14 24.65 -4.46
N PHE B 367 28.26 23.98 -4.12
CA PHE B 367 29.39 24.68 -3.52
C PHE B 367 29.92 25.77 -4.44
N LEU B 368 30.09 25.44 -5.72
CA LEU B 368 30.50 26.44 -6.71
C LEU B 368 29.50 27.61 -6.76
N ASP B 369 28.22 27.34 -6.44
CA ASP B 369 27.25 28.43 -6.38
C ASP B 369 27.45 29.29 -5.14
N VAL B 370 27.80 28.67 -4.02
CA VAL B 370 28.03 29.44 -2.79
C VAL B 370 29.16 30.44 -3.00
N LEU B 371 30.19 30.05 -3.76
CA LEU B 371 31.28 30.96 -4.08
C LEU B 371 30.79 32.19 -4.84
N ILE B 372 29.74 32.05 -5.65
CA ILE B 372 29.18 33.21 -6.36
C ILE B 372 28.16 33.97 -5.53
N GLN B 373 27.56 33.34 -4.52
CA GLN B 373 26.49 33.98 -3.78
C GLN B 373 26.96 35.24 -3.07
N LEU B 374 28.17 35.20 -2.50
CA LEU B 374 28.64 36.35 -1.74
C LEU B 374 30.16 36.46 -1.64
N GLY B 375 30.92 35.75 -2.48
CA GLY B 375 32.35 35.71 -2.28
C GLY B 375 33.22 36.00 -3.48
N ILE B 376 34.06 35.03 -3.83
CA ILE B 376 35.19 35.28 -4.72
C ILE B 376 34.75 35.36 -6.18
N ILE B 377 33.90 34.44 -6.63
CA ILE B 377 33.51 34.41 -8.04
C ILE B 377 32.56 35.56 -8.32
N ARG B 378 32.95 36.43 -9.26
CA ARG B 378 32.16 37.61 -9.66
C ARG B 378 32.16 37.71 -11.19
N ASP B 379 31.68 36.66 -11.85
CA ASP B 379 31.65 36.59 -13.31
C ASP B 379 30.30 36.05 -13.76
N CYS B 380 29.85 36.50 -14.94
CA CYS B 380 28.59 36.00 -15.50
C CYS B 380 28.76 34.82 -16.43
N ARG B 381 29.94 34.66 -17.05
CA ARG B 381 30.18 33.48 -17.87
C ARG B 381 30.33 32.22 -17.02
N ILE B 382 31.10 32.31 -15.93
CA ILE B 382 31.18 31.20 -14.97
C ILE B 382 29.80 30.90 -14.41
N ALA B 383 29.07 31.95 -14.02
CA ALA B 383 27.68 31.81 -13.62
C ALA B 383 26.86 31.09 -14.68
N ASP B 384 27.14 31.35 -15.96
CA ASP B 384 26.39 30.70 -17.02
C ASP B 384 26.63 29.19 -17.04
N ILE B 385 27.89 28.76 -16.87
CA ILE B 385 28.15 27.32 -16.85
C ILE B 385 27.50 26.68 -15.63
N VAL B 386 27.50 27.38 -14.49
CA VAL B 386 26.91 26.83 -13.27
C VAL B 386 25.40 26.73 -13.42
N ASP B 387 24.75 27.78 -13.93
CA ASP B 387 23.30 27.73 -14.10
C ASP B 387 22.88 26.82 -15.24
N THR B 388 23.77 26.56 -16.20
CA THR B 388 23.48 25.57 -17.24
C THR B 388 23.57 24.15 -16.71
N ALA B 389 24.55 23.90 -15.84
CA ALA B 389 24.81 22.54 -15.37
C ALA B 389 23.97 22.15 -14.16
N MET B 390 23.53 23.11 -13.36
CA MET B 390 22.71 22.81 -12.18
C MET B 390 21.47 21.98 -12.49
N PRO B 391 20.65 22.29 -13.51
CA PRO B 391 19.48 21.43 -13.78
C PRO B 391 19.86 20.02 -14.20
N ILE B 392 20.98 19.85 -14.90
CA ILE B 392 21.43 18.52 -15.29
C ILE B 392 21.75 17.70 -14.06
N THR B 393 22.52 18.27 -13.14
CA THR B 393 22.86 17.57 -11.90
C THR B 393 21.63 17.30 -11.06
N ILE B 394 20.69 18.25 -11.01
CA ILE B 394 19.43 18.01 -10.31
C ILE B 394 18.71 16.80 -10.91
N CYS B 395 18.65 16.74 -12.24
CA CYS B 395 18.04 15.59 -12.91
C CYS B 395 18.70 14.29 -12.48
N ILE B 396 20.04 14.26 -12.51
CA ILE B 396 20.78 13.06 -12.11
C ILE B 396 20.41 12.68 -10.68
N ALA B 397 20.59 13.61 -9.75
CA ALA B 397 20.34 13.33 -8.33
C ALA B 397 18.96 12.76 -8.10
N TYR B 398 17.92 13.45 -8.59
CA TYR B 398 16.56 13.05 -8.26
C TYR B 398 16.06 11.88 -9.09
N PHE B 399 16.63 11.64 -10.28
CA PHE B 399 16.32 10.42 -11.01
C PHE B 399 16.83 9.19 -10.25
N ASN B 400 18.09 9.23 -9.81
CA ASN B 400 18.63 8.12 -9.04
C ASN B 400 18.02 8.03 -7.65
N ASN B 401 17.48 9.14 -7.13
CA ASN B 401 16.81 9.08 -5.83
C ASN B 401 15.46 8.38 -5.95
N CYS B 402 14.71 8.66 -7.02
CA CYS B 402 13.41 8.04 -7.22
C CYS B 402 13.50 6.54 -7.49
N LEU B 403 14.70 6.02 -7.77
CA LEU B 403 14.92 4.59 -7.91
C LEU B 403 15.37 3.94 -6.62
N ASN B 404 15.60 4.72 -5.56
CA ASN B 404 16.21 4.16 -4.36
C ASN B 404 15.32 3.14 -3.66
N PRO B 405 14.03 3.40 -3.40
CA PRO B 405 13.21 2.35 -2.78
C PRO B 405 13.13 1.09 -3.61
N LEU B 406 13.06 1.23 -4.94
CA LEU B 406 12.98 0.04 -5.79
C LEU B 406 14.29 -0.73 -5.80
N PHE B 407 15.42 -0.02 -5.81
CA PHE B 407 16.72 -0.69 -5.80
C PHE B 407 16.98 -1.38 -4.47
N TYR B 408 16.63 -0.74 -3.36
CA TYR B 408 16.80 -1.38 -2.05
C TYR B 408 15.80 -2.51 -1.86
N GLY B 409 14.61 -2.39 -2.47
CA GLY B 409 13.62 -3.43 -2.32
C GLY B 409 14.00 -4.71 -3.04
N PHE B 410 14.56 -4.59 -4.24
CA PHE B 410 14.97 -5.75 -5.02
C PHE B 410 16.05 -6.58 -4.32
N LEU B 411 16.65 -6.06 -3.25
CA LEU B 411 17.57 -6.85 -2.44
C LEU B 411 16.86 -7.86 -1.55
N GLY B 412 15.53 -7.89 -1.56
CA GLY B 412 14.77 -8.90 -0.84
C GLY B 412 14.13 -9.87 -1.81
N LYS B 413 14.35 -11.17 -1.57
CA LYS B 413 13.84 -12.20 -2.46
C LYS B 413 12.32 -12.14 -2.56
N LYS B 414 11.64 -12.07 -1.41
CA LYS B 414 10.18 -12.04 -1.42
C LYS B 414 9.66 -10.75 -2.05
N PHE B 415 10.32 -9.63 -1.77
CA PHE B 415 9.92 -8.37 -2.39
C PHE B 415 10.04 -8.44 -3.91
N LYS B 416 11.14 -9.01 -4.43
CA LYS B 416 11.27 -9.14 -5.87
C LYS B 416 10.19 -10.02 -6.46
N ARG B 417 9.86 -11.13 -5.78
CA ARG B 417 8.80 -12.01 -6.25
C ARG B 417 7.47 -11.28 -6.33
N TYR B 418 7.10 -10.54 -5.27
CA TYR B 418 5.84 -9.82 -5.27
C TYR B 418 5.82 -8.72 -6.33
N PHE B 419 6.92 -7.96 -6.44
CA PHE B 419 6.93 -6.86 -7.41
C PHE B 419 6.90 -7.38 -8.83
N LEU B 420 7.59 -8.49 -9.10
CA LEU B 420 7.48 -9.13 -10.41
C LEU B 420 6.05 -9.55 -10.71
N GLN B 421 5.39 -10.18 -9.74
CA GLN B 421 4.01 -10.61 -9.93
C GLN B 421 3.09 -9.43 -10.23
N LEU B 422 3.39 -8.25 -9.69
CA LEU B 422 2.56 -7.08 -9.96
C LEU B 422 2.75 -6.53 -11.37
N LEU B 423 3.74 -7.01 -12.11
CA LEU B 423 4.00 -6.53 -13.46
C LEU B 423 3.62 -7.58 -14.50
N GLN C 1 -18.48 -19.22 3.21
CA GLN C 1 -19.72 -18.53 3.52
C GLN C 1 -20.92 -19.45 3.37
N VAL C 2 -21.34 -19.68 2.13
CA VAL C 2 -22.39 -20.61 1.79
C VAL C 2 -21.78 -21.65 0.87
N GLN C 3 -21.88 -22.92 1.25
CA GLN C 3 -21.25 -24.00 0.50
C GLN C 3 -22.31 -24.83 -0.22
N LEU C 4 -21.96 -25.28 -1.42
CA LEU C 4 -22.84 -26.08 -2.28
C LEU C 4 -22.16 -27.42 -2.54
N GLN C 5 -22.68 -28.47 -1.93
CA GLN C 5 -22.15 -29.82 -2.09
C GLN C 5 -22.88 -30.51 -3.23
N GLU C 6 -22.13 -30.88 -4.28
CA GLU C 6 -22.68 -31.52 -5.46
C GLU C 6 -22.28 -32.99 -5.51
N SER C 7 -23.12 -33.78 -6.19
CA SER C 7 -22.85 -35.21 -6.37
C SER C 7 -23.69 -35.72 -7.52
N GLY C 8 -23.25 -36.83 -8.10
CA GLY C 8 -23.95 -37.50 -9.16
C GLY C 8 -23.36 -37.40 -10.57
N GLY C 9 -22.08 -37.07 -10.70
CA GLY C 9 -21.44 -36.99 -12.00
C GLY C 9 -20.56 -38.20 -12.31
N GLY C 10 -20.16 -38.30 -13.58
CA GLY C 10 -19.30 -39.37 -14.02
C GLY C 10 -19.53 -39.70 -15.48
N LEU C 11 -19.19 -40.93 -15.84
CA LEU C 11 -19.25 -41.42 -17.21
C LEU C 11 -20.52 -42.24 -17.40
N VAL C 12 -21.29 -41.92 -18.46
CA VAL C 12 -22.57 -42.56 -18.71
C VAL C 12 -22.75 -42.75 -20.22
N GLN C 13 -23.44 -43.84 -20.59
CA GLN C 13 -23.73 -44.13 -21.98
C GLN C 13 -24.61 -43.04 -22.60
N ALA C 14 -24.60 -43.00 -23.93
CA ALA C 14 -25.50 -42.11 -24.65
C ALA C 14 -26.94 -42.61 -24.50
N GLY C 15 -27.84 -41.70 -24.13
CA GLY C 15 -29.21 -42.07 -23.87
C GLY C 15 -29.46 -42.70 -22.53
N GLY C 16 -28.51 -42.60 -21.60
CA GLY C 16 -28.67 -43.17 -20.28
C GLY C 16 -29.48 -42.29 -19.35
N SER C 17 -29.07 -42.21 -18.09
CA SER C 17 -29.79 -41.41 -17.12
C SER C 17 -28.87 -41.09 -15.94
N LEU C 18 -29.04 -39.90 -15.38
CA LEU C 18 -28.25 -39.47 -14.24
C LEU C 18 -29.11 -38.59 -13.34
N ARG C 19 -28.56 -38.25 -12.19
CA ARG C 19 -29.27 -37.41 -11.22
C ARG C 19 -28.23 -36.60 -10.47
N LEU C 20 -28.28 -35.28 -10.60
CA LEU C 20 -27.36 -34.39 -9.91
C LEU C 20 -28.04 -33.84 -8.66
N SER C 21 -27.36 -33.97 -7.53
CA SER C 21 -27.87 -33.51 -6.24
C SER C 21 -26.96 -32.42 -5.71
N CYS C 22 -27.54 -31.26 -5.39
CA CYS C 22 -26.81 -30.13 -4.85
C CYS C 22 -27.48 -29.68 -3.57
N ALA C 23 -26.78 -29.82 -2.45
CA ALA C 23 -27.28 -29.43 -1.13
C ALA C 23 -26.54 -28.18 -0.68
N ALA C 24 -27.29 -27.13 -0.38
CA ALA C 24 -26.72 -25.93 0.21
C ALA C 24 -26.48 -26.14 1.70
N SER C 25 -25.39 -25.57 2.22
CA SER C 25 -24.97 -25.85 3.58
C SER C 25 -24.48 -24.59 4.26
N GLY C 26 -24.99 -24.33 5.46
CA GLY C 26 -24.45 -23.25 6.29
C GLY C 26 -25.48 -22.22 6.71
N ASN C 27 -26.20 -21.66 5.75
CA ASN C 27 -27.04 -20.50 6.02
C ASN C 27 -28.22 -20.83 6.92
N ILE C 28 -28.50 -19.94 7.86
CA ILE C 28 -29.60 -20.15 8.79
C ILE C 28 -30.94 -20.11 8.06
N PHE C 29 -31.10 -19.17 7.13
CA PHE C 29 -32.35 -18.97 6.43
C PHE C 29 -32.33 -19.69 5.08
N ASP C 30 -33.42 -19.53 4.34
CA ASP C 30 -33.63 -20.24 3.09
C ASP C 30 -32.80 -19.61 1.97
N VAL C 31 -32.66 -20.37 0.88
CA VAL C 31 -31.99 -19.92 -0.32
C VAL C 31 -33.06 -19.56 -1.35
N ASP C 32 -32.87 -18.44 -2.04
CA ASP C 32 -33.94 -17.88 -2.87
C ASP C 32 -34.14 -18.71 -4.13
N ILE C 33 -33.11 -18.78 -4.99
CA ILE C 33 -33.22 -19.38 -6.30
C ILE C 33 -31.98 -20.23 -6.56
N MET C 34 -32.16 -21.51 -6.84
CA MET C 34 -31.06 -22.41 -7.16
C MET C 34 -31.16 -22.89 -8.60
N GLY C 35 -29.99 -23.16 -9.19
CA GLY C 35 -29.94 -23.65 -10.56
C GLY C 35 -28.63 -24.35 -10.88
N TRP C 36 -28.51 -24.77 -12.14
CA TRP C 36 -27.35 -25.50 -12.65
C TRP C 36 -26.77 -24.78 -13.88
N TYR C 37 -25.44 -24.77 -13.96
CA TYR C 37 -24.73 -24.22 -15.11
C TYR C 37 -23.72 -25.24 -15.59
N ARG C 38 -23.75 -25.57 -16.87
CA ARG C 38 -22.75 -26.47 -17.43
C ARG C 38 -21.70 -25.66 -18.16
N GLN C 39 -20.43 -26.04 -17.95
CA GLN C 39 -19.30 -25.46 -18.66
C GLN C 39 -18.87 -26.45 -19.73
N ALA C 40 -19.19 -26.14 -20.97
CA ALA C 40 -18.76 -27.01 -22.06
C ALA C 40 -17.27 -26.84 -22.32
N PRO C 41 -16.55 -27.92 -22.57
CA PRO C 41 -15.11 -27.81 -22.84
C PRO C 41 -14.85 -26.96 -24.07
N GLY C 42 -13.96 -25.98 -23.92
CA GLY C 42 -13.64 -25.07 -25.00
C GLY C 42 -14.76 -24.13 -25.40
N LYS C 43 -15.78 -23.99 -24.55
CA LYS C 43 -16.90 -23.10 -24.79
C LYS C 43 -17.16 -22.27 -23.54
N GLU C 44 -18.17 -21.39 -23.62
CA GLU C 44 -18.55 -20.59 -22.49
C GLU C 44 -19.47 -21.38 -21.56
N ARG C 45 -19.74 -20.80 -20.39
CA ARG C 45 -20.68 -21.41 -19.46
C ARG C 45 -22.11 -21.15 -19.93
N GLU C 46 -22.99 -22.11 -19.65
CA GLU C 46 -24.37 -22.05 -20.12
C GLU C 46 -25.31 -22.44 -19.00
N LEU C 47 -26.42 -21.71 -18.89
CA LEU C 47 -27.43 -22.04 -17.90
C LEU C 47 -28.17 -23.31 -18.34
N VAL C 48 -28.31 -24.26 -17.42
CA VAL C 48 -28.98 -25.51 -17.72
C VAL C 48 -30.45 -25.40 -17.34
N ALA C 49 -30.73 -25.28 -16.04
CA ALA C 49 -32.08 -25.21 -15.54
C ALA C 49 -32.06 -24.59 -14.15
N SER C 50 -33.05 -23.75 -13.86
CA SER C 50 -33.15 -23.09 -12.57
C SER C 50 -34.56 -23.28 -12.01
N ILE C 51 -34.67 -23.21 -10.69
CA ILE C 51 -35.96 -23.33 -10.01
C ILE C 51 -35.97 -22.38 -8.82
N THR C 52 -37.11 -21.73 -8.60
CA THR C 52 -37.31 -20.86 -7.47
C THR C 52 -37.96 -21.61 -6.31
N ASP C 53 -37.98 -20.97 -5.14
CA ASP C 53 -38.63 -21.57 -3.98
C ASP C 53 -40.15 -21.61 -4.15
N GLY C 54 -40.73 -20.60 -4.79
CA GLY C 54 -42.17 -20.58 -4.99
C GLY C 54 -42.68 -21.67 -5.90
N GLY C 55 -41.88 -22.07 -6.89
CA GLY C 55 -42.23 -23.18 -7.76
C GLY C 55 -42.01 -22.86 -9.22
N SER C 56 -41.44 -21.69 -9.50
CA SER C 56 -41.15 -21.27 -10.86
C SER C 56 -39.91 -21.99 -11.37
N THR C 57 -39.96 -22.40 -12.64
CA THR C 57 -38.86 -23.12 -13.26
C THR C 57 -38.41 -22.37 -14.50
N ASP C 58 -37.25 -22.76 -15.03
CA ASP C 58 -36.71 -22.12 -16.23
C ASP C 58 -35.64 -23.05 -16.79
N TYR C 59 -35.98 -23.77 -17.84
CA TYR C 59 -35.07 -24.70 -18.49
C TYR C 59 -34.46 -24.06 -19.73
N ALA C 60 -33.34 -24.62 -20.15
CA ALA C 60 -32.69 -24.17 -21.38
C ALA C 60 -33.35 -24.85 -22.58
N ASP C 61 -33.40 -24.11 -23.69
CA ASP C 61 -34.05 -24.64 -24.89
C ASP C 61 -33.36 -25.89 -25.40
N SER C 62 -32.05 -26.01 -25.20
CA SER C 62 -31.32 -27.19 -25.67
C SER C 62 -31.63 -28.44 -24.86
N VAL C 63 -32.13 -28.30 -23.64
CA VAL C 63 -32.43 -29.45 -22.79
C VAL C 63 -33.92 -29.52 -22.45
N LYS C 64 -34.76 -28.83 -23.21
CA LYS C 64 -36.19 -28.82 -22.94
C LYS C 64 -36.79 -30.16 -23.36
N GLY C 65 -37.40 -30.87 -22.42
CA GLY C 65 -37.97 -32.17 -22.67
C GLY C 65 -37.13 -33.33 -22.17
N ARG C 66 -35.84 -33.12 -21.97
CA ARG C 66 -34.92 -34.18 -21.55
C ARG C 66 -34.59 -34.12 -20.07
N PHE C 67 -34.46 -32.93 -19.51
CA PHE C 67 -34.08 -32.74 -18.12
C PHE C 67 -35.29 -32.32 -17.31
N THR C 68 -35.14 -32.39 -15.99
CA THR C 68 -36.15 -31.86 -15.08
C THR C 68 -35.49 -31.51 -13.76
N ILE C 69 -35.68 -30.28 -13.32
CA ILE C 69 -35.11 -29.78 -12.07
C ILE C 69 -36.22 -29.70 -11.03
N SER C 70 -35.87 -30.01 -9.79
CA SER C 70 -36.78 -29.87 -8.66
C SER C 70 -35.97 -29.46 -7.45
N ARG C 71 -36.66 -29.08 -6.38
CA ARG C 71 -35.96 -28.66 -5.17
C ARG C 71 -36.76 -29.07 -3.95
N ASP C 72 -36.07 -29.10 -2.81
CA ASP C 72 -36.66 -29.36 -1.51
C ASP C 72 -36.38 -28.18 -0.60
N ASN C 73 -37.44 -27.47 -0.20
CA ASN C 73 -37.31 -26.36 0.74
C ASN C 73 -37.04 -26.79 2.17
N ALA C 74 -37.12 -28.09 2.47
CA ALA C 74 -36.87 -28.55 3.83
C ALA C 74 -35.39 -28.41 4.20
N LYS C 75 -34.51 -29.00 3.38
CA LYS C 75 -33.08 -28.93 3.61
C LYS C 75 -32.34 -28.27 2.45
N ASN C 76 -33.05 -27.59 1.56
CA ASN C 76 -32.47 -26.82 0.46
C ASN C 76 -31.56 -27.68 -0.41
N THR C 77 -32.19 -28.62 -1.11
CA THR C 77 -31.48 -29.48 -2.05
C THR C 77 -32.18 -29.45 -3.39
N VAL C 78 -31.39 -29.31 -4.46
CA VAL C 78 -31.90 -29.27 -5.83
C VAL C 78 -31.46 -30.53 -6.55
N TYR C 79 -32.39 -31.15 -7.26
CA TYR C 79 -32.14 -32.38 -8.01
C TYR C 79 -32.38 -32.13 -9.48
N LEU C 80 -31.35 -32.33 -10.29
CA LEU C 80 -31.48 -32.26 -11.74
C LEU C 80 -31.51 -33.68 -12.28
N GLN C 81 -32.72 -34.20 -12.49
CA GLN C 81 -32.90 -35.51 -13.13
C GLN C 81 -32.60 -35.37 -14.61
N MET C 82 -31.51 -35.97 -15.07
CA MET C 82 -31.06 -35.85 -16.46
C MET C 82 -31.37 -37.16 -17.18
N ASN C 83 -32.37 -37.14 -18.05
CA ASN C 83 -32.75 -38.28 -18.86
C ASN C 83 -32.32 -38.10 -20.31
N SER C 84 -32.04 -39.22 -20.96
CA SER C 84 -31.66 -39.24 -22.38
C SER C 84 -30.42 -38.39 -22.62
N LEU C 85 -29.36 -38.67 -21.85
CA LEU C 85 -28.12 -37.92 -21.96
C LEU C 85 -27.49 -38.07 -23.34
N LYS C 86 -27.53 -37.01 -24.13
CA LYS C 86 -26.90 -36.97 -25.43
C LYS C 86 -25.47 -36.44 -25.31
N PRO C 87 -24.63 -36.65 -26.32
CA PRO C 87 -23.25 -36.14 -26.25
C PRO C 87 -23.16 -34.62 -26.19
N GLU C 88 -24.24 -33.90 -26.44
CA GLU C 88 -24.26 -32.46 -26.26
C GLU C 88 -24.27 -32.04 -24.80
N ASP C 89 -24.44 -32.99 -23.88
CA ASP C 89 -24.54 -32.70 -22.45
C ASP C 89 -23.23 -32.91 -21.71
N THR C 90 -22.15 -33.27 -22.41
CA THR C 90 -20.86 -33.52 -21.78
C THR C 90 -20.22 -32.20 -21.39
N ALA C 91 -20.05 -31.97 -20.10
CA ALA C 91 -19.59 -30.69 -19.58
C ALA C 91 -19.29 -30.85 -18.09
N VAL C 92 -18.90 -29.73 -17.47
CA VAL C 92 -18.72 -29.65 -16.03
C VAL C 92 -19.92 -28.90 -15.46
N TYR C 93 -20.80 -29.59 -14.75
CA TYR C 93 -22.01 -29.00 -14.22
C TYR C 93 -21.74 -28.39 -12.85
N TYR C 94 -21.97 -27.09 -12.73
CA TYR C 94 -21.77 -26.35 -11.50
C TYR C 94 -23.12 -26.01 -10.88
N CYS C 95 -23.15 -25.92 -9.56
CA CYS C 95 -24.36 -25.55 -8.84
C CYS C 95 -24.30 -24.08 -8.47
N ALA C 96 -25.48 -23.44 -8.46
CA ALA C 96 -25.57 -22.02 -8.17
C ALA C 96 -26.79 -21.75 -7.31
N ALA C 97 -26.63 -20.81 -6.36
CA ALA C 97 -27.68 -20.47 -5.42
C ALA C 97 -27.60 -18.99 -5.09
N VAL C 98 -28.76 -18.40 -4.80
CA VAL C 98 -28.88 -16.98 -4.47
C VAL C 98 -29.37 -16.92 -3.03
N ALA C 99 -28.47 -16.64 -2.09
CA ALA C 99 -28.80 -16.58 -0.67
C ALA C 99 -28.59 -15.17 -0.14
N TYR C 100 -29.52 -14.71 0.70
CA TYR C 100 -29.49 -13.39 1.30
C TYR C 100 -29.37 -13.49 2.82
N PRO C 101 -28.87 -12.43 3.48
CA PRO C 101 -28.80 -12.43 4.95
C PRO C 101 -30.16 -12.24 5.63
N ASP C 102 -30.12 -11.98 6.94
CA ASP C 102 -31.32 -11.93 7.79
C ASP C 102 -32.18 -10.71 7.47
N ILE C 103 -31.67 -9.53 7.81
CA ILE C 103 -32.29 -8.26 7.47
C ILE C 103 -31.53 -7.75 6.24
N PRO C 104 -31.82 -8.29 5.05
CA PRO C 104 -30.86 -8.16 3.96
C PRO C 104 -30.93 -6.81 3.27
N THR C 105 -29.77 -6.18 3.12
CA THR C 105 -29.62 -5.09 2.18
C THR C 105 -29.08 -5.69 0.89
N TYR C 106 -29.80 -5.49 -0.21
CA TYR C 106 -29.50 -6.21 -1.45
C TYR C 106 -28.26 -5.65 -2.14
N PHE C 107 -27.33 -5.11 -1.36
CA PHE C 107 -26.00 -4.75 -1.82
C PHE C 107 -24.99 -5.71 -1.20
N ASP C 108 -24.09 -6.23 -2.04
CA ASP C 108 -23.10 -7.21 -1.58
C ASP C 108 -21.91 -7.10 -2.52
N TYR C 109 -20.81 -6.54 -2.00
CA TYR C 109 -19.58 -6.37 -2.77
C TYR C 109 -18.63 -7.54 -2.63
N ASP C 110 -19.07 -8.65 -2.02
CA ASP C 110 -18.22 -9.82 -1.80
C ASP C 110 -18.56 -10.93 -2.79
N SER C 111 -19.78 -11.47 -2.71
CA SER C 111 -20.22 -12.53 -3.60
C SER C 111 -21.42 -12.14 -4.46
N ASP C 112 -21.92 -10.92 -4.30
CA ASP C 112 -23.15 -10.48 -4.98
C ASP C 112 -24.32 -11.39 -4.63
N ASN C 113 -24.24 -12.04 -3.47
CA ASN C 113 -25.28 -12.97 -3.02
C ASN C 113 -25.52 -14.07 -4.05
N PHE C 114 -24.48 -14.39 -4.81
CA PHE C 114 -24.47 -15.50 -5.76
C PHE C 114 -23.35 -16.45 -5.35
N TYR C 115 -23.71 -17.70 -5.09
CA TYR C 115 -22.76 -18.70 -4.61
C TYR C 115 -22.68 -19.85 -5.60
N TRP C 116 -21.46 -20.29 -5.87
CA TRP C 116 -21.18 -21.36 -6.84
C TRP C 116 -20.74 -22.62 -6.11
N GLY C 117 -20.48 -23.67 -6.89
CA GLY C 117 -19.99 -24.93 -6.36
C GLY C 117 -18.75 -25.37 -7.10
N GLN C 118 -18.21 -26.50 -6.65
CA GLN C 118 -16.99 -27.03 -7.26
C GLN C 118 -17.25 -27.64 -8.63
N GLY C 119 -18.45 -28.18 -8.85
CA GLY C 119 -18.79 -28.73 -10.15
C GLY C 119 -18.43 -30.18 -10.30
N THR C 120 -19.31 -30.95 -10.93
CA THR C 120 -19.08 -32.35 -11.20
C THR C 120 -18.94 -32.57 -12.70
N GLN C 121 -17.94 -33.38 -13.08
CA GLN C 121 -17.73 -33.71 -14.48
C GLN C 121 -18.78 -34.72 -14.92
N VAL C 122 -19.47 -34.41 -16.02
CA VAL C 122 -20.45 -35.30 -16.62
C VAL C 122 -20.01 -35.58 -18.05
N THR C 123 -19.65 -36.81 -18.33
CA THR C 123 -19.21 -37.21 -19.66
C THR C 123 -20.13 -38.31 -20.19
N VAL C 124 -20.70 -38.08 -21.37
CA VAL C 124 -21.63 -39.00 -22.00
C VAL C 124 -20.90 -39.78 -23.09
N SER C 125 -20.97 -41.10 -23.02
CA SER C 125 -20.28 -41.95 -24.00
C SER C 125 -21.21 -42.33 -25.15
N GLN D 1 8.98 -20.09 6.65
CA GLN D 1 9.58 -21.13 5.83
C GLN D 1 10.59 -21.90 6.69
N VAL D 2 10.98 -21.32 7.82
CA VAL D 2 11.87 -21.96 8.79
C VAL D 2 11.10 -22.14 10.09
N GLN D 3 10.99 -23.38 10.54
CA GLN D 3 10.21 -23.74 11.71
C GLN D 3 11.13 -24.17 12.84
N LEU D 4 10.72 -23.84 14.08
CA LEU D 4 11.50 -24.16 15.28
C LEU D 4 10.65 -25.04 16.19
N GLN D 5 11.06 -26.31 16.32
CA GLN D 5 10.37 -27.26 17.19
C GLN D 5 11.00 -27.20 18.58
N GLU D 6 10.21 -26.78 19.57
CA GLU D 6 10.69 -26.68 20.95
C GLU D 6 10.06 -27.77 21.80
N SER D 7 10.78 -28.18 22.84
CA SER D 7 10.28 -29.19 23.76
C SER D 7 11.07 -29.13 25.06
N GLY D 8 10.46 -29.64 26.12
CA GLY D 8 11.10 -29.73 27.41
C GLY D 8 10.59 -28.77 28.48
N GLY D 9 9.39 -28.20 28.33
CA GLY D 9 8.83 -27.31 29.31
C GLY D 9 7.77 -27.98 30.16
N GLY D 10 7.43 -27.31 31.26
CA GLY D 10 6.41 -27.80 32.18
C GLY D 10 6.68 -27.32 33.58
N LEU D 11 6.16 -28.09 34.54
CA LEU D 11 6.23 -27.77 35.97
C LEU D 11 7.34 -28.57 36.62
N VAL D 12 8.23 -27.87 37.34
CA VAL D 12 9.38 -28.49 37.98
C VAL D 12 9.63 -27.81 39.33
N GLN D 13 10.11 -28.59 40.29
CA GLN D 13 10.40 -28.08 41.63
C GLN D 13 11.46 -26.98 41.59
N ALA D 14 11.51 -26.19 42.66
CA ALA D 14 12.57 -25.22 42.82
C ALA D 14 13.90 -25.92 43.08
N GLY D 15 14.92 -25.52 42.33
CA GLY D 15 16.20 -26.19 42.41
C GLY D 15 16.30 -27.49 41.65
N GLY D 16 15.35 -27.77 40.76
CA GLY D 16 15.37 -29.00 39.99
C GLY D 16 16.27 -28.90 38.78
N SER D 17 15.84 -29.47 37.66
CA SER D 17 16.63 -29.45 36.44
C SER D 17 15.73 -29.75 35.25
N LEU D 18 16.05 -29.12 34.12
CA LEU D 18 15.28 -29.31 32.90
C LEU D 18 16.23 -29.21 31.71
N ARG D 19 15.67 -29.48 30.53
CA ARG D 19 16.44 -29.45 29.28
C ARG D 19 15.51 -29.03 28.16
N LEU D 20 15.81 -27.89 27.54
CA LEU D 20 15.04 -27.37 26.42
C LEU D 20 15.73 -27.76 25.12
N SER D 21 14.97 -28.35 24.20
CA SER D 21 15.48 -28.78 22.91
C SER D 21 14.76 -28.01 21.82
N CYS D 22 15.52 -27.35 20.95
CA CYS D 22 14.96 -26.58 19.84
C CYS D 22 15.64 -27.04 18.56
N ALA D 23 14.86 -27.65 17.66
CA ALA D 23 15.37 -28.14 16.39
C ALA D 23 14.85 -27.23 15.29
N ALA D 24 15.77 -26.65 14.52
CA ALA D 24 15.40 -25.86 13.35
C ALA D 24 15.05 -26.80 12.20
N SER D 25 14.07 -26.41 11.39
CA SER D 25 13.53 -27.30 10.37
C SER D 25 13.26 -26.52 9.10
N GLY D 26 13.74 -27.04 7.98
CA GLY D 26 13.40 -26.50 6.68
C GLY D 26 14.58 -26.07 5.83
N ASN D 27 15.44 -25.22 6.37
CA ASN D 27 16.48 -24.59 5.57
C ASN D 27 17.54 -25.62 5.15
N ILE D 28 17.95 -25.53 3.89
CA ILE D 28 18.92 -26.50 3.36
C ILE D 28 20.28 -26.35 4.05
N PHE D 29 20.72 -25.11 4.26
CA PHE D 29 22.03 -24.82 4.81
C PHE D 29 21.91 -24.57 6.32
N ASP D 30 23.05 -24.23 6.93
CA ASP D 30 23.13 -24.11 8.37
C ASP D 30 22.46 -22.83 8.87
N VAL D 31 22.15 -22.83 10.16
CA VAL D 31 21.60 -21.67 10.85
C VAL D 31 22.73 -21.06 11.70
N ASP D 32 22.87 -19.73 11.63
CA ASP D 32 24.08 -19.08 12.14
C ASP D 32 24.13 -18.99 13.66
N ILE D 33 23.21 -18.25 14.27
CA ILE D 33 23.29 -17.90 15.69
C ILE D 33 21.92 -18.20 16.28
N MET D 34 21.88 -19.16 17.19
CA MET D 34 20.64 -19.59 17.82
C MET D 34 20.67 -19.28 19.31
N GLY D 35 19.49 -18.99 19.87
CA GLY D 35 19.44 -18.70 21.28
C GLY D 35 18.05 -18.86 21.86
N TRP D 36 17.96 -18.54 23.15
CA TRP D 36 16.73 -18.62 23.91
C TRP D 36 16.38 -17.27 24.52
N TYR D 37 15.09 -16.94 24.50
CA TYR D 37 14.57 -15.72 25.09
C TYR D 37 13.41 -16.10 25.99
N ARG D 38 13.44 -15.68 27.24
CA ARG D 38 12.33 -15.96 28.14
C ARG D 38 11.44 -14.72 28.28
N GLN D 39 10.13 -14.97 28.28
CA GLN D 39 9.13 -13.93 28.50
C GLN D 39 8.62 -14.06 29.93
N ALA D 40 9.04 -13.14 30.79
CA ALA D 40 8.54 -13.12 32.16
C ALA D 40 7.11 -12.58 32.19
N PRO D 41 6.24 -13.16 33.01
CA PRO D 41 4.85 -12.68 33.06
C PRO D 41 4.77 -11.23 33.46
N GLY D 42 4.04 -10.44 32.68
CA GLY D 42 3.92 -9.02 32.93
C GLY D 42 5.18 -8.22 32.71
N LYS D 43 6.16 -8.79 32.01
CA LYS D 43 7.41 -8.08 31.73
C LYS D 43 7.75 -8.18 30.24
N GLU D 44 8.96 -7.75 29.88
CA GLU D 44 9.42 -7.79 28.51
C GLU D 44 10.27 -9.03 28.27
N ARG D 45 10.49 -9.34 27.01
CA ARG D 45 11.33 -10.47 26.64
C ARG D 45 12.79 -10.17 26.97
N GLU D 46 13.51 -11.23 27.35
CA GLU D 46 14.90 -11.11 27.77
C GLU D 46 15.69 -12.23 27.14
N LEU D 47 16.90 -11.91 26.67
CA LEU D 47 17.75 -12.95 26.10
C LEU D 47 18.25 -13.86 27.23
N VAL D 48 18.13 -15.16 27.02
CA VAL D 48 18.57 -16.13 28.00
C VAL D 48 20.01 -16.52 27.67
N ALA D 49 20.20 -17.17 26.52
CA ALA D 49 21.53 -17.62 26.13
C ALA D 49 21.55 -17.82 24.63
N SER D 50 22.67 -17.47 24.00
CA SER D 50 22.87 -17.60 22.57
C SER D 50 24.18 -18.34 22.31
N ILE D 51 24.27 -18.98 21.16
CA ILE D 51 25.46 -19.72 20.76
C ILE D 51 25.67 -19.55 19.25
N THR D 52 26.93 -19.41 18.85
CA THR D 52 27.33 -19.27 17.47
C THR D 52 27.65 -20.65 16.87
N ASP D 53 27.81 -20.69 15.55
CA ASP D 53 28.18 -21.95 14.90
C ASP D 53 29.60 -22.35 15.26
N GLY D 54 30.52 -21.39 15.37
CA GLY D 54 31.88 -21.69 15.75
C GLY D 54 32.01 -22.15 17.19
N GLY D 55 31.15 -21.63 18.07
CA GLY D 55 31.13 -22.06 19.45
C GLY D 55 31.09 -20.90 20.43
N SER D 56 30.98 -19.68 19.92
CA SER D 56 30.90 -18.51 20.78
C SER D 56 29.52 -18.41 21.39
N THR D 57 29.46 -18.10 22.68
CA THR D 57 28.22 -18.05 23.41
C THR D 57 28.06 -16.71 24.11
N ASP D 58 26.86 -16.49 24.67
CA ASP D 58 26.54 -15.25 25.37
C ASP D 58 25.34 -15.53 26.27
N TYR D 59 25.62 -15.65 27.57
CA TYR D 59 24.61 -15.93 28.58
C TYR D 59 24.19 -14.65 29.28
N ALA D 60 23.04 -14.70 29.93
CA ALA D 60 22.56 -13.57 30.71
C ALA D 60 23.17 -13.58 32.11
N ASP D 61 23.43 -12.39 32.65
CA ASP D 61 24.05 -12.30 33.97
C ASP D 61 23.15 -12.88 35.05
N SER D 62 21.83 -12.81 34.87
CA SER D 62 20.91 -13.33 35.88
C SER D 62 20.92 -14.85 35.96
N VAL D 63 21.40 -15.52 34.91
CA VAL D 63 21.44 -16.97 34.86
C VAL D 63 22.88 -17.47 34.80
N LYS D 64 23.83 -16.63 35.19
CA LYS D 64 25.24 -16.99 35.14
C LYS D 64 25.58 -17.96 36.26
N GLY D 65 26.09 -19.13 35.91
CA GLY D 65 26.45 -20.18 36.84
C GLY D 65 25.47 -21.33 36.89
N ARG D 66 24.23 -21.12 36.45
CA ARG D 66 23.18 -22.12 36.53
C ARG D 66 22.92 -22.84 35.21
N PHE D 67 23.01 -22.13 34.09
CA PHE D 67 22.66 -22.69 32.79
C PHE D 67 23.90 -22.99 31.98
N THR D 68 23.70 -23.73 30.89
CA THR D 68 24.72 -23.93 29.86
C THR D 68 24.04 -24.30 28.57
N ILE D 69 24.33 -23.56 27.50
CA ILE D 69 23.74 -23.80 26.19
C ILE D 69 24.80 -24.43 25.30
N SER D 70 24.34 -25.33 24.43
CA SER D 70 25.19 -25.95 23.43
C SER D 70 24.37 -26.16 22.16
N ARG D 71 25.04 -26.53 21.07
CA ARG D 71 24.34 -26.75 19.82
C ARG D 71 25.03 -27.87 19.05
N ASP D 72 24.29 -28.44 18.10
CA ASP D 72 24.80 -29.45 17.18
C ASP D 72 24.62 -28.93 15.76
N ASN D 73 25.74 -28.72 15.06
CA ASN D 73 25.69 -28.31 13.65
C ASN D 73 25.27 -29.44 12.73
N ALA D 74 25.16 -30.67 13.23
CA ALA D 74 24.74 -31.79 12.37
C ALA D 74 23.27 -31.65 11.99
N LYS D 75 22.39 -31.50 12.97
CA LYS D 75 20.96 -31.35 12.74
C LYS D 75 20.42 -30.03 13.24
N ASN D 76 21.28 -29.06 13.55
CA ASN D 76 20.90 -27.71 13.94
C ASN D 76 19.94 -27.73 15.13
N THR D 77 20.45 -28.20 16.26
CA THR D 77 19.67 -28.25 17.48
C THR D 77 20.45 -27.62 18.63
N VAL D 78 19.77 -26.78 19.41
CA VAL D 78 20.35 -26.11 20.57
C VAL D 78 19.72 -26.69 21.82
N TYR D 79 20.55 -26.99 22.82
CA TYR D 79 20.11 -27.56 24.09
C TYR D 79 20.50 -26.57 25.18
N LEU D 80 19.50 -26.07 25.92
CA LEU D 80 19.72 -25.20 27.07
C LEU D 80 19.57 -26.06 28.31
N GLN D 81 20.70 -26.56 28.82
CA GLN D 81 20.69 -27.32 30.07
C GLN D 81 20.48 -26.35 31.23
N MET D 82 19.32 -26.46 31.88
CA MET D 82 18.94 -25.56 32.96
C MET D 82 19.05 -26.30 34.29
N ASN D 83 20.06 -25.94 35.08
CA ASN D 83 20.27 -26.51 36.40
C ASN D 83 19.87 -25.51 37.48
N SER D 84 19.38 -26.03 38.61
CA SER D 84 19.01 -25.22 39.76
C SER D 84 17.95 -24.18 39.41
N LEU D 85 16.85 -24.66 38.83
CA LEU D 85 15.76 -23.77 38.43
C LEU D 85 15.15 -23.06 39.63
N LYS D 86 15.39 -21.76 39.71
CA LYS D 86 14.84 -20.89 40.75
C LYS D 86 13.51 -20.29 40.30
N PRO D 87 12.71 -19.77 41.23
CA PRO D 87 11.46 -19.12 40.81
C PRO D 87 11.68 -17.88 39.95
N GLU D 88 12.90 -17.37 39.84
CA GLU D 88 13.20 -16.30 38.91
C GLU D 88 13.23 -16.78 37.46
N ASP D 89 13.20 -18.10 37.23
CA ASP D 89 13.29 -18.67 35.90
C ASP D 89 11.93 -19.03 35.31
N THR D 90 10.84 -18.75 36.03
CA THR D 90 9.51 -19.08 35.56
C THR D 90 9.10 -18.10 34.46
N ALA D 91 8.92 -18.60 33.24
CA ALA D 91 8.67 -17.75 32.09
C ALA D 91 8.28 -18.62 30.90
N VAL D 92 8.07 -17.98 29.76
CA VAL D 92 7.81 -18.66 28.50
C VAL D 92 9.08 -18.57 27.68
N TYR D 93 9.76 -19.70 27.51
CA TYR D 93 11.03 -19.72 26.80
C TYR D 93 10.78 -19.91 25.31
N TYR D 94 11.23 -18.95 24.51
CA TYR D 94 11.08 -18.97 23.07
C TYR D 94 12.43 -19.24 22.43
N CYS D 95 12.39 -19.91 21.27
CA CYS D 95 13.60 -20.21 20.52
C CYS D 95 13.75 -19.19 19.40
N ALA D 96 15.02 -18.86 19.09
CA ALA D 96 15.32 -17.87 18.07
C ALA D 96 16.50 -18.32 17.25
N ALA D 97 16.44 -18.06 15.94
CA ALA D 97 17.47 -18.49 15.02
C ALA D 97 17.65 -17.44 13.93
N VAL D 98 18.87 -17.34 13.42
CA VAL D 98 19.22 -16.38 12.37
C VAL D 98 19.66 -17.21 11.16
N ALA D 99 18.76 -17.36 10.19
CA ALA D 99 19.02 -18.14 8.99
C ALA D 99 18.98 -17.25 7.76
N TYR D 100 19.92 -17.46 6.84
CA TYR D 100 20.06 -16.70 5.62
C TYR D 100 19.84 -17.58 4.40
N PRO D 101 19.49 -16.98 3.24
CA PRO D 101 19.32 -17.78 2.02
C PRO D 101 20.64 -18.27 1.41
N ASP D 102 20.56 -18.78 0.18
CA ASP D 102 21.68 -19.46 -0.47
C ASP D 102 22.80 -18.50 -0.85
N ILE D 103 22.53 -17.63 -1.82
CA ILE D 103 23.44 -16.54 -2.18
C ILE D 103 22.87 -15.31 -1.50
N PRO D 104 23.10 -15.14 -0.19
CA PRO D 104 22.25 -14.26 0.60
C PRO D 104 22.62 -12.79 0.43
N THR D 105 21.62 -11.97 0.14
CA THR D 105 21.72 -10.53 0.32
C THR D 105 21.16 -10.21 1.70
N TYR D 106 21.98 -9.57 2.54
CA TYR D 106 21.63 -9.41 3.95
C TYR D 106 20.59 -8.31 4.14
N PHE D 107 19.73 -8.12 3.14
CA PHE D 107 18.55 -7.28 3.23
C PHE D 107 17.32 -8.18 3.19
N ASP D 108 16.39 -7.95 4.12
CA ASP D 108 15.19 -8.78 4.22
C ASP D 108 14.09 -7.93 4.85
N TYR D 109 13.10 -7.54 4.06
CA TYR D 109 11.98 -6.74 4.52
C TYR D 109 10.81 -7.60 5.00
N ASP D 110 11.00 -8.92 5.09
CA ASP D 110 9.92 -9.82 5.48
C ASP D 110 10.09 -10.31 6.92
N SER D 111 11.16 -11.07 7.17
CA SER D 111 11.42 -11.61 8.49
C SER D 111 12.73 -11.11 9.11
N ASP D 112 13.50 -10.28 8.40
CA ASP D 112 14.82 -9.82 8.84
C ASP D 112 15.77 -10.98 9.13
N ASN D 113 15.53 -12.12 8.47
CA ASN D 113 16.27 -13.38 8.68
C ASN D 113 16.35 -13.75 10.15
N PHE D 114 15.33 -13.38 10.92
CA PHE D 114 15.22 -13.78 12.32
C PHE D 114 13.93 -14.59 12.47
N TYR D 115 14.05 -15.83 12.96
CA TYR D 115 12.92 -16.74 13.07
C TYR D 115 12.67 -17.12 14.52
N TRP D 116 11.41 -17.10 14.92
CA TRP D 116 11.01 -17.37 16.29
C TRP D 116 10.28 -18.72 16.36
N GLY D 117 9.87 -19.10 17.57
CA GLY D 117 9.09 -20.30 17.79
C GLY D 117 7.83 -20.01 18.58
N GLN D 118 7.06 -21.07 18.82
CA GLN D 118 5.81 -20.92 19.56
C GLN D 118 6.07 -20.72 21.04
N GLY D 119 7.16 -21.26 21.56
CA GLY D 119 7.51 -21.07 22.95
C GLY D 119 6.93 -22.12 23.88
N THR D 120 7.71 -22.57 24.85
CA THR D 120 7.27 -23.53 25.84
C THR D 120 7.21 -22.87 27.22
N GLN D 121 6.13 -23.13 27.93
CA GLN D 121 5.96 -22.61 29.28
C GLN D 121 6.81 -23.41 30.26
N VAL D 122 7.60 -22.69 31.06
CA VAL D 122 8.42 -23.27 32.12
C VAL D 122 7.99 -22.63 33.42
N THR D 123 7.40 -23.43 34.31
CA THR D 123 6.93 -22.95 35.60
C THR D 123 7.65 -23.69 36.71
N VAL D 124 8.27 -22.95 37.61
CA VAL D 124 9.01 -23.54 38.74
C VAL D 124 8.16 -23.40 39.99
N SER D 125 7.85 -24.54 40.61
CA SER D 125 7.06 -24.57 41.83
C SER D 125 7.98 -24.67 43.04
N SER D 126 7.70 -23.88 44.06
CA SER D 126 8.52 -23.89 45.27
C SER D 126 7.78 -24.50 46.46
N GLN E 5 -3.48 -28.92 2.88
CA GLN E 5 -3.04 -30.31 2.82
C GLN E 5 -3.62 -31.02 1.61
N GLU E 6 -2.81 -31.18 0.57
CA GLU E 6 -3.23 -31.82 -0.66
C GLU E 6 -2.92 -33.32 -0.64
N SER E 7 -3.68 -34.08 -1.43
CA SER E 7 -3.47 -35.51 -1.58
C SER E 7 -4.28 -35.98 -2.78
N GLY E 8 -3.88 -37.14 -3.31
CA GLY E 8 -4.56 -37.75 -4.44
C GLY E 8 -3.79 -37.76 -5.73
N GLY E 9 -2.55 -37.29 -5.74
CA GLY E 9 -1.75 -37.27 -6.96
C GLY E 9 -1.04 -38.58 -7.23
N SER E 17 -9.51 -42.91 -13.35
CA SER E 17 -10.13 -41.91 -12.49
C SER E 17 -9.33 -41.71 -11.20
N LEU E 18 -9.36 -40.48 -10.69
CA LEU E 18 -8.69 -40.14 -9.44
C LEU E 18 -9.57 -39.16 -8.67
N ARG E 19 -9.03 -38.63 -7.58
CA ARG E 19 -9.74 -37.64 -6.77
C ARG E 19 -8.70 -36.85 -5.99
N LEU E 20 -8.87 -35.52 -5.96
CA LEU E 20 -7.97 -34.62 -5.28
C LEU E 20 -8.68 -34.02 -4.07
N SER E 21 -8.08 -34.15 -2.89
CA SER E 21 -8.66 -33.67 -1.64
C SER E 21 -7.72 -32.63 -1.05
N CYS E 22 -8.25 -31.44 -0.77
CA CYS E 22 -7.48 -30.36 -0.17
C CYS E 22 -8.12 -29.97 1.15
N ALA E 23 -7.38 -30.12 2.24
CA ALA E 23 -7.86 -29.81 3.58
C ALA E 23 -7.09 -28.61 4.13
N ALA E 24 -7.81 -27.52 4.37
CA ALA E 24 -7.21 -26.34 4.95
C ALA E 24 -7.10 -26.49 6.47
N SER E 25 -6.02 -25.94 7.02
CA SER E 25 -5.73 -26.03 8.45
C SER E 25 -5.50 -24.64 9.00
N GLY E 26 -6.23 -24.30 10.06
CA GLY E 26 -6.10 -23.01 10.71
C GLY E 26 -7.06 -21.97 10.14
N VAL E 31 -10.99 -21.22 3.10
CA VAL E 31 -12.17 -21.05 3.94
C VAL E 31 -13.36 -20.61 3.09
N ASP E 32 -13.14 -19.67 2.17
CA ASP E 32 -14.24 -19.05 1.46
C ASP E 32 -14.44 -19.62 0.05
N ILE E 33 -13.48 -19.41 -0.84
CA ILE E 33 -13.60 -19.80 -2.24
C ILE E 33 -12.44 -20.73 -2.54
N MET E 34 -12.60 -22.00 -2.22
CA MET E 34 -11.55 -22.98 -2.48
C MET E 34 -11.59 -23.44 -3.93
N GLY E 35 -10.41 -23.63 -4.51
CA GLY E 35 -10.33 -23.96 -5.92
C GLY E 35 -9.04 -24.70 -6.27
N TRP E 36 -9.05 -25.23 -7.49
CA TRP E 36 -7.92 -25.99 -8.02
C TRP E 36 -7.36 -25.26 -9.24
N TYR E 37 -6.04 -25.25 -9.35
CA TYR E 37 -5.37 -24.58 -10.45
C TYR E 37 -4.39 -25.51 -11.15
N GLU E 46 -4.00 -21.87 -14.70
CA GLU E 46 -5.33 -22.18 -15.23
C GLU E 46 -6.24 -22.75 -14.15
N LEU E 47 -7.30 -22.02 -13.83
CA LEU E 47 -8.25 -22.48 -12.84
C LEU E 47 -9.02 -23.70 -13.37
N VAL E 48 -9.05 -24.76 -12.57
CA VAL E 48 -9.77 -25.98 -12.95
C VAL E 48 -11.21 -25.89 -12.50
N ALA E 49 -11.42 -25.76 -11.18
CA ALA E 49 -12.76 -25.67 -10.62
C ALA E 49 -12.66 -25.08 -9.22
N SER E 50 -13.58 -24.19 -8.89
CA SER E 50 -13.56 -23.52 -7.60
C SER E 50 -14.98 -23.45 -7.03
N ILE E 51 -15.11 -23.87 -5.77
CA ILE E 51 -16.38 -23.82 -5.06
C ILE E 51 -16.43 -22.54 -4.23
N THR E 52 -17.58 -21.87 -4.24
CA THR E 52 -17.75 -20.65 -3.46
C THR E 52 -18.77 -20.84 -2.35
N LYS E 75 -14.92 -29.15 7.90
CA LYS E 75 -13.52 -28.89 8.15
C LYS E 75 -12.88 -28.13 7.00
N ASN E 76 -13.72 -27.61 6.10
CA ASN E 76 -13.29 -26.89 4.93
C ASN E 76 -12.31 -27.71 4.09
N THR E 77 -12.83 -28.68 3.36
CA THR E 77 -12.04 -29.58 2.53
C THR E 77 -12.79 -29.80 1.22
N VAL E 78 -12.13 -29.54 0.10
CA VAL E 78 -12.76 -29.69 -1.21
C VAL E 78 -12.26 -30.97 -1.88
N TYR E 79 -13.13 -31.57 -2.67
CA TYR E 79 -12.85 -32.82 -3.37
C TYR E 79 -13.17 -32.62 -4.83
N LEU E 80 -12.20 -32.85 -5.70
CA LEU E 80 -12.41 -32.72 -7.13
C LEU E 80 -12.18 -34.07 -7.82
N GLU E 88 -4.67 -34.77 -21.91
CA GLU E 88 -4.46 -33.34 -21.73
C GLU E 88 -4.78 -32.89 -20.30
N ASP E 89 -4.92 -33.86 -19.40
CA ASP E 89 -5.19 -33.59 -17.99
C ASP E 89 -3.95 -33.77 -17.12
N THR E 90 -2.77 -33.84 -17.73
CA THR E 90 -1.52 -34.04 -17.00
C THR E 90 -0.94 -32.67 -16.63
N ALA E 91 -0.98 -32.34 -15.35
CA ALA E 91 -0.49 -31.05 -14.87
C ALA E 91 -0.21 -31.14 -13.38
N VAL E 92 0.26 -30.04 -12.82
CA VAL E 92 0.49 -29.91 -11.38
C VAL E 92 -0.71 -29.18 -10.80
N TYR E 93 -1.56 -29.90 -10.08
CA TYR E 93 -2.76 -29.31 -9.50
C TYR E 93 -2.40 -28.63 -8.18
N TYR E 94 -2.72 -27.34 -8.08
CA TYR E 94 -2.50 -26.57 -6.87
C TYR E 94 -3.83 -26.25 -6.20
N CYS E 95 -3.79 -26.14 -4.88
CA CYS E 95 -4.97 -25.80 -4.09
C CYS E 95 -4.88 -24.34 -3.67
N ALA E 96 -5.98 -23.62 -3.84
CA ALA E 96 -6.07 -22.21 -3.48
C ALA E 96 -7.35 -21.97 -2.69
N ALA E 97 -7.33 -20.91 -1.87
CA ALA E 97 -8.48 -20.54 -1.05
C ALA E 97 -8.51 -19.02 -0.92
N VAL E 98 -9.57 -18.41 -1.45
CA VAL E 98 -9.71 -16.96 -1.41
C VAL E 98 -10.01 -16.49 0.00
N SER E 111 0.24 -11.63 0.13
CA SER E 111 -0.99 -11.67 0.92
C SER E 111 -2.21 -11.83 0.03
N ASP E 112 -3.07 -10.82 -0.01
CA ASP E 112 -4.32 -10.81 -0.76
C ASP E 112 -5.27 -11.92 -0.30
N ASN E 113 -4.99 -12.50 0.87
CA ASN E 113 -5.84 -13.54 1.48
C ASN E 113 -6.07 -14.73 0.54
N PHE E 114 -5.09 -15.02 -0.30
CA PHE E 114 -5.15 -16.16 -1.22
C PHE E 114 -4.03 -17.12 -0.84
N TYR E 115 -4.37 -18.13 -0.04
CA TYR E 115 -3.39 -19.10 0.43
C TYR E 115 -3.32 -20.27 -0.55
N TRP E 116 -2.09 -20.62 -0.96
CA TRP E 116 -1.86 -21.68 -1.92
C TRP E 116 -1.22 -22.88 -1.24
N GLY E 117 -0.89 -23.89 -2.06
CA GLY E 117 -0.28 -25.11 -1.57
C GLY E 117 0.95 -25.49 -2.37
N GLN E 118 1.52 -26.63 -2.00
CA GLN E 118 2.74 -27.11 -2.66
C GLN E 118 2.47 -27.68 -4.04
N GLY E 119 1.30 -28.28 -4.25
CA GLY E 119 0.95 -28.83 -5.55
C GLY E 119 1.18 -30.31 -5.67
N THR E 120 0.21 -31.03 -6.21
CA THR E 120 0.32 -32.47 -6.44
C THR E 120 0.41 -32.74 -7.94
N GLN E 121 1.34 -33.61 -8.31
CA GLN E 121 1.57 -33.93 -9.72
C GLN E 121 0.59 -35.00 -10.18
N VAL E 122 -0.06 -34.74 -11.32
CA VAL E 122 -0.98 -35.70 -11.91
C VAL E 122 -0.62 -35.92 -13.38
N SER F 7 30.35 -28.49 27.78
CA SER F 7 29.88 -29.63 28.57
C SER F 7 30.62 -29.70 29.90
N GLY F 8 29.89 -30.02 30.96
CA GLY F 8 30.45 -30.15 32.30
C GLY F 8 29.91 -29.17 33.32
N GLY F 9 28.96 -28.31 32.97
CA GLY F 9 28.43 -27.37 33.94
C GLY F 9 27.33 -27.99 34.80
N GLY F 10 27.22 -27.48 36.02
CA GLY F 10 26.22 -27.97 36.95
C GLY F 10 26.56 -27.57 38.36
N LEU F 11 25.92 -28.24 39.31
CA LEU F 11 26.14 -27.98 40.73
C LEU F 11 27.40 -28.68 41.22
N VAL F 12 28.05 -28.05 42.20
CA VAL F 12 29.26 -28.60 42.80
C VAL F 12 29.44 -27.96 44.16
N GLN F 13 30.05 -28.69 45.09
CA GLN F 13 30.28 -28.19 46.43
C GLN F 13 31.40 -27.14 46.44
N SER F 17 35.52 -29.80 42.41
CA SER F 17 36.25 -29.78 41.14
C SER F 17 35.33 -30.07 39.97
N LEU F 18 35.60 -29.41 38.84
CA LEU F 18 34.82 -29.60 37.63
C LEU F 18 35.71 -29.41 36.41
N ARG F 19 35.17 -29.81 35.26
CA ARG F 19 35.89 -29.70 34.00
C ARG F 19 34.92 -29.26 32.92
N LEU F 20 35.29 -28.21 32.19
CA LEU F 20 34.50 -27.72 31.06
C LEU F 20 35.24 -28.04 29.78
N SER F 21 34.63 -28.86 28.92
CA SER F 21 35.16 -29.19 27.61
C SER F 21 34.35 -28.45 26.56
N CYS F 22 35.04 -27.76 25.65
CA CYS F 22 34.40 -27.08 24.53
C CYS F 22 35.01 -27.60 23.23
N ALA F 23 34.20 -28.28 22.42
CA ALA F 23 34.64 -28.84 21.16
C ALA F 23 34.20 -27.92 20.02
N ALA F 24 35.17 -27.37 19.29
CA ALA F 24 34.89 -26.46 18.18
C ALA F 24 34.72 -27.29 16.92
N SER F 25 33.49 -27.73 16.67
CA SER F 25 33.18 -28.52 15.49
C SER F 25 33.20 -27.66 14.23
N ASP F 32 44.81 -19.61 16.32
CA ASP F 32 43.63 -19.04 16.96
C ASP F 32 43.84 -18.91 18.47
N ILE F 33 42.79 -18.48 19.17
CA ILE F 33 42.84 -18.33 20.62
C ILE F 33 41.48 -18.66 21.20
N MET F 34 41.38 -19.79 21.89
CA MET F 34 40.13 -20.24 22.50
C MET F 34 40.18 -19.98 23.99
N GLY F 35 39.10 -19.37 24.51
CA GLY F 35 39.04 -18.99 25.91
C GLY F 35 37.64 -19.13 26.46
N TRP F 36 37.52 -18.82 27.75
CA TRP F 36 36.25 -18.87 28.47
C TRP F 36 35.94 -17.48 29.04
N TYR F 37 34.65 -17.23 29.25
CA TYR F 37 34.18 -15.93 29.72
C TYR F 37 33.08 -16.15 30.74
N ARG F 38 33.25 -15.58 31.94
CA ARG F 38 32.22 -15.66 32.97
C ARG F 38 31.84 -14.26 33.45
N ARG F 45 30.22 -9.11 31.76
CA ARG F 45 31.01 -10.34 31.67
C ARG F 45 32.48 -10.09 32.02
N GLU F 46 33.28 -11.16 31.95
CA GLU F 46 34.70 -11.08 32.26
C GLU F 46 35.38 -12.32 31.70
N LEU F 47 36.56 -12.11 31.13
CA LEU F 47 37.34 -13.24 30.63
C LEU F 47 37.89 -14.06 31.79
N VAL F 48 37.83 -15.38 31.66
CA VAL F 48 38.35 -16.29 32.68
C VAL F 48 39.76 -16.68 32.31
N ALA F 49 39.90 -17.49 31.25
CA ALA F 49 41.21 -17.98 30.82
C ALA F 49 41.17 -18.25 29.33
N SER F 50 42.20 -17.79 28.62
CA SER F 50 42.32 -18.02 27.19
C SER F 50 43.65 -18.72 26.90
N ILE F 51 43.66 -19.50 25.82
CA ILE F 51 44.85 -20.21 25.38
C ILE F 51 44.94 -20.09 23.86
N THR F 52 46.10 -19.68 23.36
CA THR F 52 46.33 -19.61 21.94
C THR F 52 46.73 -20.98 21.40
N ASP F 53 46.66 -21.15 20.09
CA ASP F 53 47.08 -22.42 19.50
C ASP F 53 48.58 -22.63 19.66
N GLY F 54 49.36 -21.56 19.83
CA GLY F 54 50.78 -21.71 20.05
C GLY F 54 51.12 -22.27 21.42
N GLY F 55 50.31 -21.94 22.43
CA GLY F 55 50.52 -22.50 23.75
C GLY F 55 50.56 -21.48 24.86
N SER F 56 50.45 -20.20 24.54
CA SER F 56 50.47 -19.17 25.55
C SER F 56 49.11 -19.08 26.25
N THR F 57 49.13 -18.60 27.49
CA THR F 57 47.94 -18.54 28.32
C THR F 57 47.67 -17.11 28.78
N ASP F 58 46.43 -16.90 29.24
CA ASP F 58 46.01 -15.62 29.81
C ASP F 58 44.89 -15.92 30.81
N TYR F 59 45.25 -16.05 32.08
CA TYR F 59 44.29 -16.30 33.14
C TYR F 59 43.84 -14.98 33.77
N ALA F 60 42.68 -15.03 34.44
CA ALA F 60 42.18 -13.87 35.15
C ALA F 60 42.78 -13.80 36.55
N ASP F 61 42.77 -12.60 37.13
CA ASP F 61 43.35 -12.40 38.45
C ASP F 61 42.61 -13.21 39.50
N SER F 62 41.31 -13.43 39.32
CA SER F 62 40.52 -14.12 40.33
C SER F 62 40.75 -15.63 40.34
N VAL F 63 41.21 -16.20 39.22
CA VAL F 63 41.31 -17.66 39.11
C VAL F 63 42.74 -18.09 38.77
N LYS F 64 43.73 -17.30 39.19
CA LYS F 64 45.11 -17.70 39.02
C LYS F 64 45.53 -18.61 40.18
N GLY F 65 46.07 -19.79 39.84
CA GLY F 65 46.45 -20.79 40.80
C GLY F 65 45.42 -21.89 40.99
N ARG F 66 44.15 -21.61 40.72
CA ARG F 66 43.08 -22.58 40.89
C ARG F 66 42.60 -23.17 39.57
N PHE F 67 42.28 -22.33 38.59
CA PHE F 67 41.83 -22.79 37.29
C PHE F 67 43.02 -23.05 36.39
N THR F 68 42.85 -23.98 35.45
CA THR F 68 43.89 -24.29 34.48
C THR F 68 43.23 -24.68 33.16
N ILE F 69 43.62 -24.00 32.09
CA ILE F 69 43.07 -24.22 30.77
C ILE F 69 44.11 -24.90 29.89
N SER F 70 43.66 -25.86 29.09
CA SER F 70 44.50 -26.55 28.12
C SER F 70 43.69 -26.73 26.85
N ARG F 71 44.37 -27.13 25.78
CA ARG F 71 43.68 -27.32 24.50
C ARG F 71 44.35 -28.44 23.72
N ASP F 72 43.58 -29.03 22.82
CA ASP F 72 44.09 -30.07 21.91
C ASP F 72 44.01 -29.54 20.49
N ASN F 73 45.16 -29.53 19.80
CA ASN F 73 45.23 -29.08 18.41
C ASN F 73 44.90 -30.18 17.41
N ALA F 74 44.29 -31.28 17.85
CA ALA F 74 43.92 -32.36 16.95
C ALA F 74 42.50 -32.20 16.43
N LYS F 75 41.58 -31.81 17.31
CA LYS F 75 40.21 -31.52 16.91
C LYS F 75 39.75 -30.16 17.42
N ASN F 76 40.68 -29.33 17.90
CA ASN F 76 40.39 -28.02 18.48
C ASN F 76 39.36 -28.13 19.61
N THR F 77 39.82 -28.57 20.80
CA THR F 77 38.95 -28.70 21.96
C THR F 77 39.70 -28.20 23.19
N VAL F 78 39.07 -27.30 23.95
CA VAL F 78 39.67 -26.72 25.14
C VAL F 78 39.06 -27.37 26.38
N TYR F 79 39.89 -27.51 27.40
CA TYR F 79 39.46 -28.06 28.69
C TYR F 79 39.88 -27.08 29.77
N LEU F 80 38.91 -26.38 30.34
CA LEU F 80 39.15 -25.57 31.54
C LEU F 80 38.84 -26.45 32.74
N GLN F 81 39.88 -27.00 33.36
CA GLN F 81 39.74 -27.77 34.58
C GLN F 81 39.79 -26.81 35.76
N MET F 82 38.68 -26.73 36.50
CA MET F 82 38.54 -25.80 37.61
C MET F 82 38.60 -26.56 38.92
N ASN F 83 39.60 -26.26 39.74
CA ASN F 83 39.75 -26.86 41.06
C ASN F 83 39.36 -25.83 42.12
N SER F 84 38.47 -26.22 43.02
CA SER F 84 37.98 -25.35 44.09
C SER F 84 37.38 -24.06 43.53
N PRO F 87 32.35 -19.76 45.87
CA PRO F 87 31.02 -19.31 45.47
C PRO F 87 31.05 -18.13 44.51
N GLU F 88 32.17 -17.41 44.46
CA GLU F 88 32.35 -16.31 43.53
C GLU F 88 32.71 -16.76 42.13
N ASP F 89 32.64 -18.06 41.85
CA ASP F 89 32.84 -18.61 40.52
C ASP F 89 31.53 -19.09 39.89
N THR F 90 30.40 -18.57 40.37
CA THR F 90 29.08 -18.99 39.89
C THR F 90 28.71 -18.08 38.72
N ALA F 91 29.25 -18.42 37.55
CA ALA F 91 28.96 -17.71 36.32
C ALA F 91 29.21 -18.66 35.16
N VAL F 92 28.32 -18.66 34.16
CA VAL F 92 28.46 -19.58 33.05
C VAL F 92 29.71 -19.19 32.26
N TYR F 93 30.66 -20.12 32.18
CA TYR F 93 31.89 -19.90 31.42
C TYR F 93 31.56 -20.00 29.93
N TYR F 94 31.66 -18.88 29.23
CA TYR F 94 31.23 -18.78 27.84
C TYR F 94 32.41 -19.13 26.93
N CYS F 95 32.28 -20.21 26.17
CA CYS F 95 33.33 -20.62 25.25
C CYS F 95 33.40 -19.65 24.07
N ALA F 96 34.62 -19.38 23.61
CA ALA F 96 34.84 -18.44 22.52
C ALA F 96 36.18 -18.71 21.87
N ALA F 97 36.19 -18.80 20.54
CA ALA F 97 37.40 -19.01 19.77
C ALA F 97 37.74 -17.75 18.98
N VAL F 98 39.03 -17.57 18.72
CA VAL F 98 39.51 -16.40 17.99
C VAL F 98 40.69 -16.77 17.09
N ARG G 2 21.88 37.74 -7.28
CA ARG G 2 21.77 36.43 -7.91
C ARG G 2 20.38 35.86 -7.65
N VAL G 3 19.70 35.43 -8.71
CA VAL G 3 18.35 34.91 -8.62
C VAL G 3 18.43 33.41 -8.89
N TYR G 4 18.26 32.62 -7.83
CA TYR G 4 18.44 31.16 -7.90
C TYR G 4 17.11 30.53 -8.29
N ILE G 5 16.89 30.42 -9.61
CA ILE G 5 15.60 29.94 -10.12
C ILE G 5 15.49 28.43 -10.13
N HIS G 6 16.51 27.73 -9.66
CA HIS G 6 16.53 26.27 -9.73
C HIS G 6 15.67 25.67 -8.62
N PRO G 7 15.08 24.49 -8.86
CA PRO G 7 14.23 23.86 -7.82
C PRO G 7 14.90 23.77 -6.45
N ILE G 8 16.12 23.26 -6.39
CA ILE G 8 16.87 23.22 -5.14
C ILE G 8 18.29 23.74 -5.38
N ARG H 2 -20.63 38.61 -18.88
CA ARG H 2 -20.86 37.91 -17.63
C ARG H 2 -19.67 37.00 -17.31
N VAL H 3 -19.14 37.11 -16.10
CA VAL H 3 -17.96 36.38 -15.70
C VAL H 3 -18.36 35.34 -14.65
N TYR H 4 -18.39 34.08 -15.05
CA TYR H 4 -18.81 32.96 -14.20
C TYR H 4 -17.59 32.42 -13.47
N ILE H 5 -17.30 32.98 -12.30
CA ILE H 5 -16.08 32.63 -11.56
C ILE H 5 -16.22 31.36 -10.74
N HIS H 6 -17.38 30.71 -10.78
CA HIS H 6 -17.62 29.55 -9.92
C HIS H 6 -16.94 28.31 -10.50
N PRO H 7 -16.53 27.38 -9.63
CA PRO H 7 -15.86 26.16 -10.12
C PRO H 7 -16.62 25.42 -11.22
N ILE H 8 -17.92 25.19 -11.02
CA ILE H 8 -18.72 24.55 -12.05
C ILE H 8 -20.02 25.32 -12.26
#